data_2A9C
#
_entry.id   2A9C
#
_cell.length_a   53.905
_cell.length_b   122.572
_cell.length_c   55.180
_cell.angle_alpha   90.00
_cell.angle_beta   94.97
_cell.angle_gamma   90.00
#
_symmetry.space_group_name_H-M   'P 1 21 1'
#
loop_
_entity.id
_entity.type
_entity.pdbx_description
1 polymer 'Sulfite Oxidase'
2 non-polymer 'SULFATE ION'
3 non-polymer 'PHOSPHONIC ACIDMONO-(2-AMINO-5,6-DIMERCAPTO-4-OXO-3,7,8A,9,10,10A-HEXAHYDRO-4H-8-OXA-1,3,9,10-TETRAAZA-ANTHRACEN-7-YLMETHYL)ESTER'
4 non-polymer 'MOLYBDENUM ATOM'
5 non-polymer GLYCEROL
6 water water
#
_entity_poly.entity_id   1
_entity_poly.type   'polypeptide(L)'
_entity_poly.pdbx_seq_one_letter_code
;DPFAGDPPRHPGLRVNSQKPFNAEPPAELLAERFLTPNELFFTQNHLPVPAVEPSSYRLRVDGPGGGTLSLSLAELRSRF
PKHEVTATLQCAGNRRSEMSRVRPVKGLPWDIGAISTARWGGARLRDVLLHAGFPEELQGEWHVCFEGLDADPGGAPYGA
SIPYGRALSPAADVLLAYEMNGTELPRDHGFPVRVVVPGVVGARSVKWLRRVAVSPDESPSHWQQNDYKGFSPCVDWDTV
DYRTAPAIQELPVQSAVTQPRPGAAVPPGELTVKGYAWSGGGREVVRVDVSLDGGRTWKVARLMGDKAPPGRAWAWALWE
LTVPVEAGTELEIVCKAVDSSYNVQPDSVAPIWNLRGVLSTAWHRVRVSVQD
;
_entity_poly.pdbx_strand_id   A,B
#
loop_
_chem_comp.id
_chem_comp.type
_chem_comp.name
_chem_comp.formula
GOL non-polymer GLYCEROL 'C3 H8 O3'
MO non-polymer 'MOLYBDENUM ATOM' Mo
MTE non-polymer 'PHOSPHONIC ACIDMONO-(2-AMINO-5,6-DIMERCAPTO-4-OXO-3,7,8A,9,10,10A-HEXAHYDRO-4H-8-OXA-1,3,9,10-TETRAAZA-ANTHRACEN-7-YLMETHYL)ESTER' 'C10 H14 N5 O6 P S2'
SO4 non-polymer 'SULFATE ION' 'O4 S -2'
#
# COMPACT_ATOMS: atom_id res chain seq x y z
N ARG A 14 -6.66 -28.94 10.33
CA ARG A 14 -5.45 -29.48 9.61
C ARG A 14 -4.18 -28.98 10.29
N VAL A 15 -3.58 -29.85 11.10
CA VAL A 15 -2.34 -29.53 11.82
C VAL A 15 -1.08 -29.84 10.97
N ASN A 16 -0.27 -28.80 10.74
CA ASN A 16 1.00 -28.88 9.96
C ASN A 16 2.23 -29.26 10.86
N SER A 17 2.04 -29.24 12.20
CA SER A 17 3.07 -29.59 13.23
C SER A 17 2.41 -29.60 14.64
N GLN A 18 2.71 -30.63 15.44
CA GLN A 18 2.07 -30.82 16.77
C GLN A 18 2.93 -30.31 17.96
N LYS A 19 4.27 -30.36 17.82
CA LYS A 19 5.24 -29.85 18.83
C LYS A 19 6.40 -29.13 18.12
N PRO A 20 6.41 -27.77 18.09
CA PRO A 20 5.41 -26.84 18.58
C PRO A 20 4.13 -26.89 17.73
N PHE A 21 3.05 -26.39 18.28
CA PHE A 21 1.75 -26.47 17.63
C PHE A 21 1.49 -25.39 16.57
N ASN A 22 0.67 -25.77 15.60
CA ASN A 22 0.15 -24.88 14.57
C ASN A 22 -0.95 -25.61 13.80
N ALA A 23 -2.02 -24.92 13.48
CA ALA A 23 -3.14 -25.54 12.83
C ALA A 23 -3.87 -24.52 12.00
N GLU A 24 -4.39 -24.93 10.84
CA GLU A 24 -5.20 -24.01 10.05
C GLU A 24 -6.58 -24.59 9.80
N PRO A 25 -7.58 -23.74 9.74
CA PRO A 25 -8.90 -24.27 9.50
C PRO A 25 -9.06 -24.76 8.08
N PRO A 26 -9.91 -25.77 7.85
CA PRO A 26 -10.08 -26.18 6.45
C PRO A 26 -10.80 -25.08 5.67
N ALA A 27 -10.48 -24.94 4.39
CA ALA A 27 -11.07 -23.90 3.57
C ALA A 27 -12.60 -23.83 3.59
N GLU A 28 -13.29 -24.98 3.66
CA GLU A 28 -14.79 -24.99 3.67
C GLU A 28 -15.41 -24.40 4.93
N LEU A 29 -14.56 -24.14 5.94
CA LEU A 29 -15.00 -23.48 7.15
C LEU A 29 -14.49 -22.03 7.24
N LEU A 30 -13.31 -21.80 6.67
CA LEU A 30 -12.57 -20.56 6.78
C LEU A 30 -13.41 -19.27 6.64
N ALA A 31 -14.24 -19.24 5.60
CA ALA A 31 -14.98 -18.05 5.20
C ALA A 31 -16.51 -18.19 5.29
N GLU A 32 -16.94 -19.07 6.17
CA GLU A 32 -18.34 -19.22 6.42
C GLU A 32 -18.84 -18.05 7.26
N ARG A 33 -18.06 -17.62 8.24
CA ARG A 33 -18.39 -16.48 9.06
C ARG A 33 -17.35 -15.37 8.98
N PHE A 34 -17.88 -14.15 8.99
CA PHE A 34 -17.09 -12.92 9.04
C PHE A 34 -16.14 -12.99 10.23
N LEU A 35 -16.64 -13.36 11.39
CA LEU A 35 -15.77 -13.57 12.51
C LEU A 35 -15.44 -15.06 12.55
N THR A 36 -14.18 -15.38 12.59
CA THR A 36 -13.75 -16.75 12.71
C THR A 36 -13.86 -17.25 14.16
N PRO A 37 -14.73 -18.24 14.43
CA PRO A 37 -14.86 -18.80 15.79
C PRO A 37 -13.52 -19.09 16.44
N ASN A 38 -13.43 -18.77 17.73
CA ASN A 38 -12.21 -19.00 18.46
C ASN A 38 -11.61 -20.42 18.30
N GLU A 39 -12.41 -21.45 18.39
CA GLU A 39 -11.88 -22.81 18.31
C GLU A 39 -11.47 -23.18 16.89
N LEU A 40 -11.48 -22.21 15.99
CA LEU A 40 -11.19 -22.44 14.60
C LEU A 40 -10.13 -21.48 14.03
N PHE A 41 -10.00 -20.32 14.66
CA PHE A 41 -9.00 -19.32 14.34
C PHE A 41 -7.67 -20.01 14.25
N PHE A 42 -6.92 -19.78 13.17
CA PHE A 42 -5.65 -20.49 12.95
C PHE A 42 -4.69 -20.28 14.12
N THR A 43 -3.77 -21.23 14.35
CA THR A 43 -2.86 -21.15 15.48
C THR A 43 -1.43 -21.24 15.03
N GLN A 44 -0.59 -20.33 15.49
CA GLN A 44 0.83 -20.42 15.19
C GLN A 44 1.62 -20.14 16.45
N ASN A 45 2.22 -21.19 17.00
CA ASN A 45 3.07 -21.12 18.17
C ASN A 45 4.45 -21.61 17.78
N HIS A 46 5.49 -20.84 18.07
CA HIS A 46 6.87 -21.27 17.80
C HIS A 46 7.49 -21.97 19.02
N LEU A 47 6.82 -21.90 20.16
CA LEU A 47 7.37 -22.37 21.41
C LEU A 47 6.30 -22.98 22.28
N PRO A 48 6.70 -23.68 23.36
CA PRO A 48 5.72 -24.28 24.24
C PRO A 48 4.81 -23.20 24.81
N VAL A 49 3.52 -23.50 24.88
CA VAL A 49 2.53 -22.56 25.35
C VAL A 49 2.62 -22.34 26.84
N PRO A 50 2.82 -21.09 27.29
CA PRO A 50 2.94 -20.92 28.73
C PRO A 50 1.61 -21.07 29.44
N ALA A 51 1.66 -21.56 30.68
CA ALA A 51 0.47 -21.67 31.53
C ALA A 51 0.54 -20.47 32.49
N VAL A 52 -0.46 -19.61 32.42
CA VAL A 52 -0.38 -18.37 33.15
C VAL A 52 -1.44 -18.28 34.21
N GLU A 53 -0.98 -18.18 35.45
CA GLU A 53 -1.85 -17.90 36.57
C GLU A 53 -2.29 -16.42 36.46
N PRO A 54 -3.60 -16.18 36.29
CA PRO A 54 -4.16 -14.84 36.10
C PRO A 54 -4.01 -13.79 37.22
N SER A 55 -4.14 -14.18 38.47
CA SER A 55 -4.08 -13.19 39.54
C SER A 55 -2.68 -12.60 39.70
N SER A 56 -1.66 -13.45 39.55
CA SER A 56 -0.26 -13.04 39.76
C SER A 56 0.41 -12.48 38.48
N TYR A 57 -0.22 -12.67 37.33
CA TYR A 57 0.32 -12.12 36.09
C TYR A 57 0.50 -10.63 36.23
N ARG A 58 1.63 -10.14 35.71
CA ARG A 58 1.94 -8.72 35.74
C ARG A 58 2.58 -8.33 34.45
N LEU A 59 2.07 -7.28 33.79
CA LEU A 59 2.67 -6.75 32.57
C LEU A 59 3.70 -5.68 32.95
N ARG A 60 4.90 -5.86 32.48
CA ARG A 60 5.92 -4.91 32.78
C ARG A 60 6.10 -4.01 31.59
N VAL A 61 6.08 -2.71 31.85
CA VAL A 61 6.30 -1.72 30.82
C VAL A 61 7.33 -0.75 31.35
N ASP A 62 8.53 -0.86 30.80
CA ASP A 62 9.63 0.01 31.16
C ASP A 62 9.37 1.45 30.76
N GLY A 63 9.42 2.34 31.75
CA GLY A 63 9.16 3.77 31.58
C GLY A 63 10.32 4.55 31.00
N PRO A 64 10.08 5.85 30.68
CA PRO A 64 11.06 6.72 30.01
C PRO A 64 12.41 6.94 30.73
N GLY A 65 12.38 7.28 32.01
CA GLY A 65 13.64 7.51 32.74
C GLY A 65 14.03 6.38 33.67
N GLY A 66 13.73 5.14 33.29
CA GLY A 66 14.08 4.02 34.12
C GLY A 66 12.96 3.55 35.03
N GLY A 67 11.89 4.30 35.15
CA GLY A 67 10.79 3.85 35.98
C GLY A 67 10.19 2.58 35.41
N THR A 68 9.56 1.76 36.26
CA THR A 68 8.87 0.59 35.74
C THR A 68 7.42 0.62 36.16
N LEU A 69 6.54 0.38 35.19
CA LEU A 69 5.13 0.33 35.42
C LEU A 69 4.83 -1.17 35.51
N SER A 70 4.22 -1.64 36.59
CA SER A 70 3.86 -3.05 36.68
C SER A 70 2.37 -3.22 36.74
N LEU A 71 1.76 -3.60 35.63
CA LEU A 71 0.32 -3.72 35.57
C LEU A 71 -0.23 -5.12 35.75
N SER A 72 -1.22 -5.26 36.63
CA SER A 72 -1.90 -6.52 36.78
C SER A 72 -2.99 -6.57 35.72
N LEU A 73 -3.58 -7.73 35.52
CA LEU A 73 -4.67 -7.92 34.57
C LEU A 73 -5.85 -7.04 34.92
N ALA A 74 -6.08 -6.88 36.21
CA ALA A 74 -7.21 -6.08 36.72
C ALA A 74 -7.08 -4.57 36.48
N GLU A 75 -5.83 -4.09 36.55
CA GLU A 75 -5.50 -2.66 36.34
C GLU A 75 -5.56 -2.34 34.87
N LEU A 76 -5.13 -3.29 34.05
CA LEU A 76 -5.13 -3.14 32.62
C LEU A 76 -6.52 -3.00 32.11
N ARG A 77 -7.45 -3.75 32.71
CA ARG A 77 -8.86 -3.69 32.35
C ARG A 77 -9.50 -2.44 32.91
N SER A 78 -9.17 -2.07 34.14
CA SER A 78 -9.89 -0.98 34.80
C SER A 78 -9.35 0.44 34.56
N ARG A 79 -8.03 0.60 34.46
CA ARG A 79 -7.40 1.93 34.31
C ARG A 79 -7.43 2.52 32.91
N PHE A 80 -7.58 1.68 31.89
CA PHE A 80 -7.57 2.12 30.49
C PHE A 80 -8.92 1.77 29.81
N PRO A 81 -9.49 2.71 29.05
CA PRO A 81 -10.81 2.40 28.46
C PRO A 81 -10.71 1.27 27.45
N LYS A 82 -11.58 0.29 27.60
CA LYS A 82 -11.59 -0.84 26.73
C LYS A 82 -11.97 -0.38 25.34
N HIS A 83 -11.36 -1.00 24.34
CA HIS A 83 -11.60 -0.63 22.96
C HIS A 83 -11.68 -1.92 22.15
N GLU A 84 -12.65 -2.02 21.26
CA GLU A 84 -12.82 -3.18 20.43
C GLU A 84 -12.44 -2.87 19.00
N VAL A 85 -11.72 -3.80 18.38
CA VAL A 85 -11.28 -3.63 17.02
C VAL A 85 -11.44 -4.96 16.35
N THR A 86 -12.17 -5.03 15.27
CA THR A 86 -12.28 -6.21 14.44
C THR A 86 -11.11 -6.21 13.44
N ALA A 87 -10.20 -7.16 13.61
CA ALA A 87 -8.99 -7.23 12.84
C ALA A 87 -8.71 -8.66 12.44
N THR A 88 -8.15 -8.77 11.26
CA THR A 88 -7.77 -9.99 10.65
C THR A 88 -6.27 -10.15 10.83
N LEU A 89 -5.86 -11.29 11.37
CA LEU A 89 -4.45 -11.65 11.42
C LEU A 89 -4.16 -12.61 10.29
N GLN A 90 -3.13 -12.29 9.51
CA GLN A 90 -2.65 -13.18 8.46
C GLN A 90 -1.19 -13.44 8.74
N CYS A 91 -0.85 -14.73 8.74
CA CYS A 91 0.52 -15.12 8.97
C CYS A 91 1.32 -14.81 7.72
N ALA A 92 2.63 -14.61 7.89
CA ALA A 92 3.50 -14.35 6.75
C ALA A 92 3.58 -15.55 5.80
N GLY A 93 3.39 -16.75 6.32
CA GLY A 93 3.47 -17.92 5.50
C GLY A 93 2.13 -18.31 4.95
N ASN A 94 1.12 -17.47 5.03
CA ASN A 94 -0.15 -17.85 4.43
C ASN A 94 0.16 -18.14 2.97
N ARG A 95 -0.29 -19.30 2.47
CA ARG A 95 -0.14 -19.77 1.07
C ARG A 95 1.28 -20.12 0.65
N ARG A 96 2.07 -20.55 1.64
CA ARG A 96 3.45 -20.97 1.39
C ARG A 96 3.52 -22.19 0.48
N SER A 97 2.62 -23.16 0.64
CA SER A 97 2.72 -24.39 -0.15
C SER A 97 2.63 -24.18 -1.66
N GLU A 98 1.84 -23.19 -2.09
CA GLU A 98 1.74 -22.87 -3.51
C GLU A 98 3.11 -22.51 -4.04
N MET A 99 3.80 -21.69 -3.28
CA MET A 99 5.15 -21.29 -3.58
C MET A 99 6.15 -22.46 -3.52
N SER A 100 6.02 -23.33 -2.52
CA SER A 100 6.86 -24.53 -2.38
C SER A 100 6.91 -25.42 -3.58
N ARG A 101 5.74 -25.55 -4.18
CA ARG A 101 5.56 -26.41 -5.31
C ARG A 101 6.29 -25.89 -6.53
N VAL A 102 6.48 -24.58 -6.62
CA VAL A 102 7.28 -23.98 -7.69
C VAL A 102 8.73 -24.32 -7.43
N ARG A 103 9.15 -24.19 -6.19
CA ARG A 103 10.50 -24.60 -5.78
C ARG A 103 10.51 -24.68 -4.25
N PRO A 104 11.08 -25.75 -3.66
CA PRO A 104 11.00 -25.95 -2.23
C PRO A 104 11.53 -24.83 -1.33
N VAL A 105 10.82 -24.65 -0.23
CA VAL A 105 11.09 -23.63 0.73
C VAL A 105 11.14 -24.20 2.16
N LYS A 106 11.77 -23.46 3.04
CA LYS A 106 11.78 -23.81 4.45
C LYS A 106 10.55 -23.18 5.14
N GLY A 107 9.75 -24.03 5.80
CA GLY A 107 8.60 -23.57 6.57
C GLY A 107 7.39 -24.48 6.62
N LEU A 108 6.51 -24.23 7.58
CA LEU A 108 5.30 -25.01 7.69
C LEU A 108 4.53 -24.83 6.37
N PRO A 109 4.01 -25.94 5.84
CA PRO A 109 3.33 -25.88 4.55
C PRO A 109 1.89 -25.31 4.67
N TRP A 110 1.74 -24.02 4.96
CA TRP A 110 0.40 -23.48 5.05
C TRP A 110 -0.28 -23.46 3.69
N ASP A 111 -1.57 -23.74 3.67
CA ASP A 111 -2.34 -23.59 2.45
C ASP A 111 -3.01 -22.18 2.59
N ILE A 112 -4.27 -22.00 2.20
CA ILE A 112 -4.89 -20.66 2.18
C ILE A 112 -5.49 -20.21 3.53
N GLY A 113 -5.22 -20.96 4.59
CA GLY A 113 -5.84 -20.71 5.86
C GLY A 113 -5.09 -20.06 6.99
N ALA A 114 -3.89 -19.53 6.76
CA ALA A 114 -3.15 -18.91 7.87
C ALA A 114 -3.59 -17.43 7.97
N ILE A 115 -4.87 -17.30 8.25
CA ILE A 115 -5.52 -16.02 8.31
C ILE A 115 -6.86 -16.25 9.01
N SER A 116 -7.27 -15.34 9.88
CA SER A 116 -8.52 -15.51 10.57
C SER A 116 -8.88 -14.16 11.14
N THR A 117 -10.15 -13.96 11.46
CA THR A 117 -10.63 -12.68 11.91
C THR A 117 -11.35 -12.75 13.26
N ALA A 118 -11.28 -11.68 14.06
CA ALA A 118 -11.93 -11.63 15.36
C ALA A 118 -12.13 -10.21 15.86
N ARG A 119 -13.13 -10.03 16.70
CA ARG A 119 -13.37 -8.79 17.37
C ARG A 119 -12.53 -8.89 18.64
N TRP A 120 -11.51 -8.03 18.73
CA TRP A 120 -10.58 -8.01 19.88
C TRP A 120 -10.94 -6.87 20.81
N GLY A 121 -10.72 -7.07 22.10
CA GLY A 121 -11.01 -6.08 23.12
C GLY A 121 -9.83 -5.90 24.08
N GLY A 122 -9.44 -4.67 24.32
CA GLY A 122 -8.34 -4.47 25.20
C GLY A 122 -8.04 -2.99 25.40
N ALA A 123 -6.93 -2.78 26.10
CA ALA A 123 -6.41 -1.45 26.34
C ALA A 123 -5.61 -1.01 25.13
N ARG A 124 -5.78 0.23 24.70
CA ARG A 124 -4.96 0.76 23.63
C ARG A 124 -3.50 0.86 24.07
N LEU A 125 -2.59 0.37 23.25
CA LEU A 125 -1.16 0.49 23.55
C LEU A 125 -0.84 1.99 23.74
N ARG A 126 -1.45 2.84 22.92
CA ARG A 126 -1.26 4.26 23.08
C ARG A 126 -1.49 4.69 24.53
N ASP A 127 -2.70 4.42 25.03
CA ASP A 127 -3.09 4.80 26.39
C ASP A 127 -2.15 4.29 27.47
N VAL A 128 -1.62 3.07 27.29
CA VAL A 128 -0.72 2.49 28.27
C VAL A 128 0.61 3.21 28.27
N LEU A 129 1.12 3.56 27.08
CA LEU A 129 2.42 4.25 27.00
C LEU A 129 2.30 5.71 27.43
N LEU A 130 1.20 6.36 27.06
CA LEU A 130 0.97 7.72 27.51
C LEU A 130 0.95 7.72 29.03
N HIS A 131 0.25 6.77 29.64
CA HIS A 131 0.18 6.69 31.10
C HIS A 131 1.53 6.48 31.74
N ALA A 132 2.32 5.61 31.13
CA ALA A 132 3.65 5.27 31.60
C ALA A 132 4.69 6.38 31.50
N GLY A 133 4.31 7.49 30.88
CA GLY A 133 5.18 8.68 30.84
C GLY A 133 5.74 9.08 29.50
N PHE A 134 5.55 8.22 28.50
CA PHE A 134 6.06 8.48 27.17
C PHE A 134 5.28 9.61 26.45
N PRO A 135 5.99 10.34 25.55
CA PRO A 135 5.36 11.42 24.82
C PRO A 135 4.74 10.92 23.50
N GLU A 136 3.94 11.78 22.90
CA GLU A 136 3.27 11.52 21.62
C GLU A 136 4.24 11.05 20.53
N GLU A 137 5.34 11.81 20.41
CA GLU A 137 6.38 11.54 19.39
C GLU A 137 7.79 11.66 19.93
N LEU A 138 8.71 11.03 19.21
CA LEU A 138 10.11 11.01 19.57
C LEU A 138 10.93 11.32 18.34
N GLN A 139 12.05 11.99 18.57
CA GLN A 139 12.99 12.38 17.55
C GLN A 139 13.55 11.13 16.91
N GLY A 140 13.62 11.10 15.59
CA GLY A 140 14.17 9.94 14.92
C GLY A 140 13.32 8.68 15.04
N GLU A 141 13.91 7.56 14.68
CA GLU A 141 13.19 6.29 14.67
C GLU A 141 13.37 5.56 15.98
N TRP A 142 12.25 5.34 16.68
CA TRP A 142 12.21 4.57 17.90
C TRP A 142 11.30 3.38 17.64
N HIS A 143 11.34 2.39 18.51
CA HIS A 143 10.51 1.22 18.36
C HIS A 143 9.88 0.79 19.67
N VAL A 144 8.74 0.11 19.57
CA VAL A 144 8.12 -0.45 20.73
C VAL A 144 8.29 -1.93 20.66
N CYS A 145 8.95 -2.49 21.67
CA CYS A 145 9.27 -3.91 21.72
C CYS A 145 8.42 -4.69 22.65
N PHE A 146 8.20 -5.93 22.25
CA PHE A 146 7.38 -6.85 23.01
C PHE A 146 8.10 -8.17 23.21
N GLU A 147 7.87 -8.72 24.40
CA GLU A 147 8.37 -10.04 24.78
C GLU A 147 7.23 -10.81 25.33
N GLY A 148 7.17 -12.08 24.93
CA GLY A 148 6.11 -12.99 25.37
C GLY A 148 6.69 -13.85 26.47
N LEU A 149 5.81 -14.60 27.14
CA LEU A 149 6.23 -15.48 28.21
C LEU A 149 6.69 -16.83 27.72
N ASP A 150 6.56 -17.09 26.41
CA ASP A 150 7.05 -18.35 25.85
C ASP A 150 8.58 -18.27 25.60
N ALA A 151 9.36 -19.30 25.95
CA ALA A 151 10.82 -19.19 25.77
C ALA A 151 11.44 -20.44 25.21
N ASP A 152 12.58 -20.26 24.53
CA ASP A 152 13.35 -21.39 23.99
C ASP A 152 14.09 -22.02 25.19
N PRO A 153 14.72 -23.19 24.99
CA PRO A 153 15.39 -23.80 26.18
C PRO A 153 16.40 -22.84 26.88
N GLY A 154 17.18 -22.11 26.08
CA GLY A 154 18.15 -21.14 26.60
C GLY A 154 17.52 -19.93 27.25
N GLY A 155 16.18 -19.87 27.18
CA GLY A 155 15.40 -18.84 27.86
C GLY A 155 15.14 -17.56 27.08
N ALA A 156 15.54 -17.52 25.81
CA ALA A 156 15.25 -16.36 25.01
C ALA A 156 13.75 -16.40 24.57
N PRO A 157 12.98 -15.37 24.93
CA PRO A 157 11.56 -15.32 24.59
C PRO A 157 11.23 -15.00 23.13
N TYR A 158 9.97 -15.19 22.76
CA TYR A 158 9.53 -14.78 21.45
C TYR A 158 9.41 -13.27 21.57
N GLY A 159 9.73 -12.55 20.50
CA GLY A 159 9.63 -11.11 20.56
C GLY A 159 9.48 -10.51 19.20
N ALA A 160 8.97 -9.27 19.18
CA ALA A 160 8.79 -8.51 17.97
C ALA A 160 8.70 -7.08 18.38
N SER A 161 8.59 -6.19 17.39
CA SER A 161 8.45 -4.79 17.66
C SER A 161 7.73 -4.14 16.53
N ILE A 162 7.28 -2.92 16.80
CA ILE A 162 6.70 -2.05 15.80
C ILE A 162 7.22 -0.62 15.97
N PRO A 163 7.19 0.15 14.89
CA PRO A 163 7.63 1.53 15.03
C PRO A 163 6.83 2.25 16.09
N TYR A 164 7.51 3.13 16.79
CA TYR A 164 6.92 3.95 17.84
C TYR A 164 5.69 4.71 17.32
N GLY A 165 5.81 5.27 16.12
CA GLY A 165 4.71 6.02 15.47
C GLY A 165 3.42 5.22 15.33
N ARG A 166 3.52 3.91 15.05
CA ARG A 166 2.28 3.08 14.97
C ARG A 166 1.66 2.88 16.36
N ALA A 167 2.54 2.69 17.34
CA ALA A 167 2.18 2.43 18.75
C ALA A 167 1.45 3.63 19.39
N LEU A 168 1.88 4.83 19.03
CA LEU A 168 1.26 6.04 19.55
C LEU A 168 0.16 6.57 18.65
N SER A 169 -0.06 5.98 17.49
CA SER A 169 -1.13 6.50 16.64
C SER A 169 -2.51 6.03 17.12
N PRO A 170 -3.43 6.99 17.37
CA PRO A 170 -4.82 6.63 17.69
C PRO A 170 -5.56 5.82 16.59
N ALA A 171 -5.38 6.21 15.32
CA ALA A 171 -5.99 5.46 14.20
C ALA A 171 -5.41 4.05 13.99
N ALA A 172 -4.18 3.77 14.47
CA ALA A 172 -3.56 2.48 14.23
C ALA A 172 -4.20 1.36 15.05
N ASP A 173 -4.98 1.72 16.05
CA ASP A 173 -5.76 0.77 16.85
C ASP A 173 -4.96 -0.41 17.45
N VAL A 174 -3.74 -0.15 17.81
CA VAL A 174 -2.93 -1.21 18.39
C VAL A 174 -3.41 -1.46 19.79
N LEU A 175 -3.68 -2.74 20.12
CA LEU A 175 -4.19 -3.10 21.44
C LEU A 175 -3.37 -4.10 22.22
N LEU A 176 -3.59 -4.04 23.53
CA LEU A 176 -3.15 -5.07 24.46
C LEU A 176 -4.48 -5.77 24.76
N ALA A 177 -4.79 -6.74 23.90
CA ALA A 177 -6.05 -7.46 23.93
C ALA A 177 -6.10 -8.49 25.00
N TYR A 178 -7.20 -8.45 25.74
CA TYR A 178 -7.54 -9.45 26.76
C TYR A 178 -8.92 -10.12 26.45
N GLU A 179 -9.58 -9.68 25.37
CA GLU A 179 -10.81 -10.37 24.89
C GLU A 179 -10.69 -10.73 23.41
N MET A 180 -11.39 -11.78 23.01
CA MET A 180 -11.40 -12.30 21.63
C MET A 180 -12.77 -12.89 21.34
N ASN A 181 -13.49 -12.25 20.43
CA ASN A 181 -14.87 -12.64 20.07
C ASN A 181 -15.74 -12.77 21.35
N GLY A 182 -15.65 -11.77 22.21
CA GLY A 182 -16.45 -11.71 23.44
C GLY A 182 -16.00 -12.49 24.66
N THR A 183 -15.19 -13.52 24.51
CA THR A 183 -14.71 -14.29 25.67
C THR A 183 -13.28 -13.87 25.87
N GLU A 184 -12.68 -14.28 26.99
CA GLU A 184 -11.29 -13.93 27.28
C GLU A 184 -10.39 -14.80 26.40
N LEU A 185 -9.14 -14.40 26.23
CA LEU A 185 -8.24 -15.10 25.32
C LEU A 185 -8.06 -16.57 25.65
N PRO A 186 -8.18 -17.45 24.64
CA PRO A 186 -7.82 -18.85 24.81
C PRO A 186 -6.33 -18.97 24.96
N ARG A 187 -5.85 -20.03 25.58
CA ARG A 187 -4.41 -20.18 25.82
C ARG A 187 -3.57 -20.06 24.58
N ASP A 188 -3.98 -20.79 23.54
CA ASP A 188 -3.22 -20.81 22.30
C ASP A 188 -3.15 -19.47 21.62
N HIS A 189 -4.06 -18.56 21.99
CA HIS A 189 -4.10 -17.26 21.36
C HIS A 189 -3.59 -16.15 22.26
N GLY A 190 -2.95 -16.54 23.37
CA GLY A 190 -2.22 -15.59 24.18
C GLY A 190 -2.68 -15.32 25.58
N PHE A 191 -3.62 -16.09 26.11
CA PHE A 191 -4.12 -15.80 27.48
C PHE A 191 -2.99 -15.48 28.43
N PRO A 192 -3.16 -14.43 29.26
CA PRO A 192 -4.29 -13.51 29.45
C PRO A 192 -4.24 -12.22 28.61
N VAL A 193 -3.10 -11.95 27.98
CA VAL A 193 -2.90 -10.73 27.21
C VAL A 193 -2.02 -10.93 26.01
N ARG A 194 -2.40 -10.34 24.89
CA ARG A 194 -1.54 -10.33 23.72
C ARG A 194 -1.59 -8.97 23.05
N VAL A 195 -0.63 -8.73 22.16
CA VAL A 195 -0.66 -7.54 21.33
C VAL A 195 -1.40 -7.86 20.02
N VAL A 196 -2.25 -6.93 19.58
CA VAL A 196 -2.93 -7.06 18.31
C VAL A 196 -2.56 -5.80 17.56
N VAL A 197 -1.78 -5.96 16.49
CA VAL A 197 -1.35 -4.89 15.61
C VAL A 197 -2.19 -4.97 14.33
N PRO A 198 -3.32 -4.25 14.26
CA PRO A 198 -4.14 -4.29 13.05
C PRO A 198 -3.33 -3.92 11.81
N GLY A 199 -3.71 -4.45 10.64
CA GLY A 199 -3.06 -4.14 9.36
C GLY A 199 -1.62 -4.64 9.15
N VAL A 200 -1.14 -5.50 10.03
CA VAL A 200 0.27 -5.88 10.06
C VAL A 200 0.40 -7.38 10.19
N VAL A 201 1.54 -7.92 9.78
CA VAL A 201 1.74 -9.37 9.83
C VAL A 201 1.54 -9.97 11.25
N GLY A 202 1.03 -11.20 11.27
CA GLY A 202 0.69 -11.94 12.49
C GLY A 202 1.78 -12.04 13.53
N ALA A 203 3.03 -12.12 13.04
CA ALA A 203 4.25 -12.25 13.84
C ALA A 203 4.47 -11.19 14.87
N ARG A 204 3.96 -9.99 14.63
CA ARG A 204 4.19 -8.83 15.54
C ARG A 204 3.15 -8.73 16.67
N SER A 205 2.05 -9.48 16.56
CA SER A 205 1.01 -9.54 17.56
C SER A 205 1.45 -10.54 18.60
N VAL A 206 2.30 -10.09 19.51
CA VAL A 206 2.92 -11.01 20.46
C VAL A 206 1.95 -11.49 21.52
N LYS A 207 1.93 -12.81 21.69
CA LYS A 207 1.06 -13.53 22.60
C LYS A 207 1.75 -13.72 23.95
N TRP A 208 0.96 -13.88 25.03
CA TRP A 208 1.45 -14.10 26.38
C TRP A 208 2.43 -13.02 26.77
N LEU A 209 1.99 -11.79 26.53
CA LEU A 209 2.84 -10.61 26.69
C LEU A 209 3.38 -10.41 28.08
N ARG A 210 4.70 -10.24 28.19
CA ARG A 210 5.24 -9.98 29.52
C ARG A 210 5.91 -8.61 29.60
N ARG A 211 6.34 -8.07 28.47
CA ARG A 211 7.09 -6.82 28.53
C ARG A 211 6.87 -5.94 27.32
N VAL A 212 6.85 -4.63 27.59
CA VAL A 212 6.70 -3.61 26.58
C VAL A 212 7.78 -2.60 26.92
N ALA A 213 8.59 -2.29 25.93
CA ALA A 213 9.72 -1.42 26.12
C ALA A 213 9.94 -0.56 24.89
N VAL A 214 10.35 0.67 25.11
CA VAL A 214 10.63 1.57 24.03
C VAL A 214 12.15 1.50 23.83
N SER A 215 12.58 1.42 22.59
CA SER A 215 14.00 1.30 22.27
C SER A 215 14.36 1.99 20.98
N PRO A 216 15.57 2.57 20.91
CA PRO A 216 15.97 3.17 19.63
C PRO A 216 16.11 2.14 18.49
N ASP A 217 16.19 0.86 18.83
CA ASP A 217 16.31 -0.17 17.82
C ASP A 217 15.15 -1.18 17.83
N GLU A 218 14.99 -1.88 16.72
CA GLU A 218 14.02 -2.93 16.61
C GLU A 218 14.27 -4.02 17.66
N SER A 219 13.29 -4.90 17.82
CA SER A 219 13.43 -6.02 18.73
C SER A 219 14.53 -6.93 18.25
N PRO A 220 15.41 -7.35 19.17
CA PRO A 220 16.50 -8.25 18.76
C PRO A 220 16.07 -9.71 18.66
N SER A 221 14.78 -10.00 18.82
CA SER A 221 14.34 -11.36 18.65
C SER A 221 14.81 -11.96 17.33
N HIS A 222 14.93 -13.27 17.30
CA HIS A 222 15.23 -14.02 16.08
C HIS A 222 14.25 -13.72 14.94
N TRP A 223 12.97 -13.58 15.29
CA TRP A 223 11.90 -13.43 14.31
C TRP A 223 11.61 -11.97 13.85
N GLN A 224 12.39 -11.03 14.35
CA GLN A 224 12.34 -9.63 13.93
C GLN A 224 13.62 -9.32 13.14
N GLN A 225 14.76 -9.83 13.62
CA GLN A 225 16.01 -9.65 12.93
C GLN A 225 16.24 -10.63 11.78
N ASN A 226 16.02 -11.92 12.03
CA ASN A 226 16.44 -12.94 11.08
C ASN A 226 15.39 -13.81 10.49
N ASP A 227 14.16 -13.35 10.49
CA ASP A 227 13.09 -14.10 9.85
C ASP A 227 12.10 -13.08 9.35
N TYR A 228 11.11 -13.54 8.60
CA TYR A 228 9.99 -12.68 8.18
C TYR A 228 10.38 -11.42 7.41
N LYS A 229 11.07 -11.63 6.30
CA LYS A 229 11.50 -10.59 5.41
C LYS A 229 11.38 -11.10 3.99
N GLY A 230 11.31 -10.18 3.04
CA GLY A 230 11.13 -10.55 1.66
C GLY A 230 12.44 -10.39 0.96
N PHE A 231 12.83 -11.39 0.19
CA PHE A 231 14.05 -11.34 -0.63
C PHE A 231 13.72 -11.52 -2.08
N SER A 232 14.72 -11.19 -2.90
CA SER A 232 14.67 -11.35 -4.34
C SER A 232 14.60 -12.82 -4.65
N PRO A 233 13.93 -13.20 -5.76
CA PRO A 233 13.87 -14.65 -6.09
C PRO A 233 15.24 -15.34 -6.31
N CYS A 234 16.27 -14.61 -6.68
CA CYS A 234 17.58 -15.24 -6.90
C CYS A 234 18.31 -15.49 -5.61
N VAL A 235 17.86 -14.89 -4.50
CA VAL A 235 18.55 -15.12 -3.25
C VAL A 235 18.34 -16.54 -2.79
N ASP A 236 19.45 -17.21 -2.48
CA ASP A 236 19.43 -18.57 -1.92
C ASP A 236 20.07 -18.51 -0.51
N TRP A 237 20.02 -19.64 0.21
CA TRP A 237 20.52 -19.72 1.58
C TRP A 237 22.00 -19.28 1.75
N ASP A 238 22.85 -19.62 0.81
CA ASP A 238 24.27 -19.24 0.85
C ASP A 238 24.57 -17.73 0.60
N THR A 239 23.57 -17.00 0.11
CA THR A 239 23.69 -15.57 -0.20
C THR A 239 22.77 -14.67 0.62
N VAL A 240 21.71 -15.19 1.20
CA VAL A 240 20.76 -14.36 1.92
C VAL A 240 21.44 -13.60 3.05
N ASP A 241 21.03 -12.37 3.27
CA ASP A 241 21.56 -11.51 4.31
C ASP A 241 20.41 -10.65 4.77
N TYR A 242 19.91 -10.97 5.96
CA TYR A 242 18.71 -10.33 6.50
C TYR A 242 18.91 -8.86 6.82
N ARG A 243 20.14 -8.34 6.70
CA ARG A 243 20.31 -6.90 6.84
C ARG A 243 19.85 -6.14 5.58
N THR A 244 19.71 -6.80 4.43
CA THR A 244 19.34 -6.09 3.15
C THR A 244 17.82 -5.85 2.95
N ALA A 245 17.01 -6.36 3.88
CA ALA A 245 15.56 -6.19 3.78
C ALA A 245 14.90 -5.76 5.09
N PRO A 246 13.76 -5.08 4.98
CA PRO A 246 13.04 -4.64 6.16
C PRO A 246 12.15 -5.72 6.73
N ALA A 247 11.92 -5.62 8.03
CA ALA A 247 11.01 -6.49 8.72
C ALA A 247 9.63 -6.38 8.08
N ILE A 248 8.91 -7.47 7.91
CA ILE A 248 7.55 -7.35 7.39
C ILE A 248 6.68 -6.67 8.46
N GLN A 249 5.97 -5.62 8.05
CA GLN A 249 5.01 -4.96 8.92
C GLN A 249 3.67 -5.00 8.17
N GLU A 250 3.30 -3.95 7.46
CA GLU A 250 2.08 -4.00 6.65
C GLU A 250 2.25 -5.10 5.59
N LEU A 251 1.18 -5.84 5.32
CA LEU A 251 1.19 -6.93 4.30
C LEU A 251 0.56 -6.45 3.00
N PRO A 252 0.93 -7.07 1.85
CA PRO A 252 0.33 -6.72 0.57
C PRO A 252 -1.06 -7.27 0.36
N VAL A 253 -1.69 -6.82 -0.70
CA VAL A 253 -3.03 -7.27 -1.01
C VAL A 253 -3.01 -8.78 -1.30
N GLN A 254 -4.01 -9.46 -0.73
CA GLN A 254 -4.19 -10.89 -0.79
C GLN A 254 -5.66 -11.26 -1.04
N SER A 255 -5.87 -12.43 -1.66
CA SER A 255 -7.19 -13.01 -1.82
C SER A 255 -7.10 -14.49 -2.15
N ALA A 256 -8.15 -15.23 -1.78
CA ALA A 256 -8.25 -16.63 -2.13
C ALA A 256 -9.71 -17.10 -2.26
N VAL A 257 -9.87 -18.19 -3.03
CA VAL A 257 -11.14 -18.86 -3.29
C VAL A 257 -11.33 -19.97 -2.29
N THR A 258 -12.34 -19.87 -1.42
CA THR A 258 -12.57 -20.97 -0.46
C THR A 258 -13.65 -21.97 -0.92
N GLN A 259 -14.43 -21.60 -1.92
CA GLN A 259 -15.51 -22.42 -2.43
C GLN A 259 -15.75 -22.20 -3.95
N PRO A 260 -15.80 -23.26 -4.75
CA PRO A 260 -15.65 -24.68 -4.46
C PRO A 260 -14.21 -25.03 -4.23
N ARG A 261 -13.99 -26.30 -3.95
CA ARG A 261 -12.69 -26.82 -3.62
C ARG A 261 -12.05 -27.53 -4.83
N PRO A 262 -10.70 -27.59 -4.88
CA PRO A 262 -10.07 -28.24 -6.02
C PRO A 262 -10.60 -29.65 -6.27
N GLY A 263 -10.70 -30.01 -7.55
CA GLY A 263 -11.20 -31.32 -7.95
C GLY A 263 -12.72 -31.52 -7.87
N ALA A 264 -13.44 -30.52 -7.39
CA ALA A 264 -14.89 -30.62 -7.29
C ALA A 264 -15.58 -30.81 -8.66
N ALA A 265 -16.68 -31.54 -8.64
CA ALA A 265 -17.56 -31.67 -9.79
C ALA A 265 -18.82 -31.01 -9.29
N VAL A 266 -19.09 -29.81 -9.78
CA VAL A 266 -20.24 -29.05 -9.28
C VAL A 266 -21.45 -29.33 -10.12
N PRO A 267 -22.64 -29.21 -9.53
CA PRO A 267 -23.88 -29.39 -10.30
C PRO A 267 -24.07 -28.25 -11.32
N PRO A 268 -24.69 -28.54 -12.49
CA PRO A 268 -24.85 -27.56 -13.56
C PRO A 268 -25.91 -26.51 -13.26
N GLY A 269 -25.90 -25.45 -14.06
CA GLY A 269 -26.83 -24.33 -13.89
C GLY A 269 -26.25 -23.12 -13.18
N GLU A 270 -26.23 -23.17 -11.85
CA GLU A 270 -25.77 -22.07 -11.02
C GLU A 270 -24.69 -22.46 -10.01
N LEU A 271 -23.65 -21.65 -9.93
CA LEU A 271 -22.55 -21.89 -9.00
C LEU A 271 -22.27 -20.62 -8.24
N THR A 272 -22.09 -20.74 -6.93
CA THR A 272 -21.69 -19.61 -6.12
C THR A 272 -20.23 -19.77 -5.69
N VAL A 273 -19.36 -18.94 -6.25
CA VAL A 273 -17.95 -18.96 -5.91
C VAL A 273 -17.75 -17.97 -4.78
N LYS A 274 -16.96 -18.39 -3.79
CA LYS A 274 -16.72 -17.57 -2.61
C LYS A 274 -15.28 -17.60 -2.14
N GLY A 275 -14.95 -16.55 -1.38
CA GLY A 275 -13.63 -16.48 -0.77
C GLY A 275 -13.44 -15.28 0.10
N TYR A 276 -12.18 -14.93 0.35
CA TYR A 276 -11.79 -13.74 1.12
C TYR A 276 -10.84 -12.84 0.35
N ALA A 277 -10.69 -11.61 0.83
CA ALA A 277 -9.75 -10.66 0.28
C ALA A 277 -9.40 -9.72 1.43
N TRP A 278 -8.14 -9.28 1.47
CA TRP A 278 -7.68 -8.35 2.50
C TRP A 278 -6.37 -7.66 2.08
N SER A 279 -6.07 -6.54 2.73
CA SER A 279 -4.85 -5.81 2.45
C SER A 279 -4.35 -5.24 3.77
N GLY A 280 -3.04 -5.05 3.87
CA GLY A 280 -2.44 -4.54 5.09
C GLY A 280 -2.61 -3.04 5.19
N GLY A 281 -2.17 -2.48 6.31
CA GLY A 281 -2.22 -1.04 6.54
C GLY A 281 -3.57 -0.36 6.66
N GLY A 282 -4.64 -1.12 6.90
CA GLY A 282 -5.98 -0.54 6.98
C GLY A 282 -6.53 -0.19 5.61
N ARG A 283 -5.87 -0.63 4.52
CA ARG A 283 -6.34 -0.36 3.15
C ARG A 283 -7.49 -1.27 2.72
N GLU A 284 -8.65 -0.69 2.49
CA GLU A 284 -9.83 -1.49 2.11
C GLU A 284 -9.66 -2.12 0.74
N VAL A 285 -10.43 -3.20 0.54
CA VAL A 285 -10.47 -3.92 -0.69
C VAL A 285 -11.60 -3.30 -1.44
N VAL A 286 -11.29 -2.64 -2.56
CA VAL A 286 -12.31 -1.96 -3.39
C VAL A 286 -12.83 -2.83 -4.54
N ARG A 287 -12.10 -3.85 -4.92
CA ARG A 287 -12.65 -4.74 -5.94
C ARG A 287 -11.98 -6.11 -5.85
N VAL A 288 -12.76 -7.10 -6.28
CA VAL A 288 -12.29 -8.48 -6.43
C VAL A 288 -12.76 -9.02 -7.77
N ASP A 289 -11.79 -9.30 -8.61
CA ASP A 289 -12.03 -9.84 -9.92
C ASP A 289 -12.00 -11.37 -9.87
N VAL A 290 -12.99 -12.02 -10.51
CA VAL A 290 -13.06 -13.47 -10.54
C VAL A 290 -13.12 -13.98 -11.95
N SER A 291 -12.35 -15.01 -12.24
CA SER A 291 -12.32 -15.60 -13.56
C SER A 291 -12.69 -17.05 -13.43
N LEU A 292 -13.32 -17.56 -14.49
CA LEU A 292 -13.73 -18.95 -14.58
C LEU A 292 -12.98 -19.65 -15.67
N ASP A 293 -12.21 -18.90 -16.46
CA ASP A 293 -11.49 -19.46 -17.61
C ASP A 293 -9.95 -19.26 -17.50
N GLY A 294 -9.45 -19.26 -16.26
CA GLY A 294 -8.02 -19.19 -16.02
C GLY A 294 -7.39 -17.83 -16.17
N GLY A 295 -8.17 -16.78 -15.93
CA GLY A 295 -7.64 -15.41 -15.99
C GLY A 295 -7.76 -14.77 -17.35
N ARG A 296 -8.45 -15.39 -18.29
CA ARG A 296 -8.59 -14.77 -19.60
C ARG A 296 -9.70 -13.75 -19.60
N THR A 297 -10.78 -14.02 -18.87
CA THR A 297 -11.85 -13.04 -18.70
C THR A 297 -12.21 -13.00 -17.21
N TRP A 298 -12.68 -11.84 -16.77
CA TRP A 298 -13.00 -11.60 -15.38
C TRP A 298 -14.38 -11.05 -15.21
N LYS A 299 -14.88 -11.16 -13.99
CA LYS A 299 -16.19 -10.67 -13.56
C LYS A 299 -16.01 -10.14 -12.16
N VAL A 300 -16.79 -9.15 -11.78
CA VAL A 300 -16.67 -8.50 -10.49
C VAL A 300 -17.48 -9.23 -9.43
N ALA A 301 -16.89 -9.47 -8.28
CA ALA A 301 -17.59 -10.17 -7.21
C ALA A 301 -18.34 -9.21 -6.29
N ARG A 302 -19.31 -9.76 -5.58
CA ARG A 302 -20.03 -8.96 -4.64
C ARG A 302 -19.25 -9.00 -3.31
N LEU A 303 -18.95 -7.80 -2.78
CA LEU A 303 -18.26 -7.68 -1.49
C LEU A 303 -19.25 -7.62 -0.33
N MET A 304 -19.20 -8.60 0.55
CA MET A 304 -20.11 -8.63 1.66
C MET A 304 -19.42 -7.90 2.78
N GLY A 305 -20.19 -7.47 3.76
CA GLY A 305 -19.61 -6.81 4.91
C GLY A 305 -19.74 -5.31 4.84
N ASP A 306 -19.69 -4.69 6.01
CA ASP A 306 -19.84 -3.25 6.10
C ASP A 306 -18.49 -2.58 5.95
N LYS A 307 -18.53 -1.38 5.38
CA LYS A 307 -17.35 -0.59 5.22
C LYS A 307 -16.94 -0.02 6.59
N ALA A 308 -15.64 0.05 6.77
CA ALA A 308 -15.00 0.60 7.96
C ALA A 308 -14.56 2.02 7.62
N PRO A 309 -14.15 2.78 8.64
CA PRO A 309 -13.67 4.11 8.31
C PRO A 309 -12.44 4.02 7.41
N PRO A 310 -12.14 5.09 6.66
CA PRO A 310 -11.02 5.11 5.72
C PRO A 310 -9.72 4.98 6.46
N GLY A 311 -8.76 4.28 5.86
CA GLY A 311 -7.50 3.99 6.50
C GLY A 311 -7.62 3.00 7.66
N ARG A 312 -8.80 2.40 7.87
CA ARG A 312 -9.00 1.54 9.03
C ARG A 312 -9.70 0.18 8.72
N ALA A 313 -9.46 -0.34 7.51
CA ALA A 313 -10.06 -1.59 7.10
C ALA A 313 -9.16 -2.72 7.58
N TRP A 314 -9.33 -3.06 8.87
CA TRP A 314 -8.47 -4.07 9.49
C TRP A 314 -8.96 -5.49 9.26
N ALA A 315 -10.20 -5.62 8.84
CA ALA A 315 -10.83 -6.92 8.63
C ALA A 315 -11.01 -7.26 7.18
N TRP A 316 -10.81 -8.52 6.84
CA TRP A 316 -11.03 -8.99 5.47
C TRP A 316 -12.44 -8.68 4.91
N ALA A 317 -12.52 -8.82 3.61
CA ALA A 317 -13.74 -8.67 2.89
C ALA A 317 -14.11 -10.05 2.41
N LEU A 318 -15.31 -10.54 2.74
CA LEU A 318 -15.73 -11.81 2.21
C LEU A 318 -16.46 -11.52 0.94
N TRP A 319 -16.11 -12.26 -0.09
CA TRP A 319 -16.74 -12.05 -1.40
C TRP A 319 -17.47 -13.26 -1.91
N GLU A 320 -18.28 -13.01 -2.92
CA GLU A 320 -18.98 -14.08 -3.60
C GLU A 320 -19.47 -13.68 -4.99
N LEU A 321 -19.60 -14.68 -5.84
CA LEU A 321 -20.05 -14.48 -7.20
C LEU A 321 -20.91 -15.66 -7.56
N THR A 322 -22.17 -15.39 -7.89
CA THR A 322 -23.10 -16.43 -8.29
C THR A 322 -23.19 -16.37 -9.79
N VAL A 323 -22.77 -17.44 -10.47
CA VAL A 323 -22.66 -17.40 -11.92
C VAL A 323 -23.25 -18.64 -12.60
N PRO A 324 -23.82 -18.47 -13.80
CA PRO A 324 -24.39 -19.65 -14.46
C PRO A 324 -23.33 -20.52 -15.10
N VAL A 325 -23.48 -21.83 -14.90
CA VAL A 325 -22.51 -22.80 -15.41
C VAL A 325 -23.20 -23.93 -16.19
N GLU A 326 -22.61 -24.27 -17.33
CA GLU A 326 -23.12 -25.28 -18.27
C GLU A 326 -22.44 -26.68 -18.10
N ALA A 327 -23.28 -27.71 -18.12
CA ALA A 327 -22.83 -29.10 -17.95
C ALA A 327 -21.71 -29.48 -18.93
N GLY A 328 -20.75 -30.25 -18.41
CA GLY A 328 -19.63 -30.72 -19.17
C GLY A 328 -18.47 -29.75 -19.26
N THR A 329 -18.65 -28.52 -18.81
CA THR A 329 -17.60 -27.53 -18.92
C THR A 329 -16.58 -27.64 -17.79
N GLU A 330 -15.35 -27.24 -18.07
CA GLU A 330 -14.25 -27.24 -17.14
C GLU A 330 -14.03 -25.81 -16.72
N LEU A 331 -13.68 -25.55 -15.47
CA LEU A 331 -13.38 -24.18 -15.04
C LEU A 331 -12.04 -24.08 -14.34
N GLU A 332 -11.36 -22.97 -14.53
CA GLU A 332 -10.17 -22.66 -13.75
C GLU A 332 -10.50 -21.37 -13.03
N ILE A 333 -10.84 -21.47 -11.76
CA ILE A 333 -11.29 -20.32 -11.00
C ILE A 333 -10.11 -19.54 -10.50
N VAL A 334 -10.10 -18.24 -10.75
CA VAL A 334 -9.02 -17.38 -10.30
C VAL A 334 -9.60 -16.11 -9.72
N CYS A 335 -9.00 -15.63 -8.62
CA CYS A 335 -9.39 -14.37 -8.02
C CYS A 335 -8.18 -13.46 -7.83
N LYS A 336 -8.44 -12.15 -7.90
CA LYS A 336 -7.41 -11.15 -7.64
C LYS A 336 -8.10 -9.96 -7.02
N ALA A 337 -7.48 -9.32 -6.01
CA ALA A 337 -8.11 -8.19 -5.33
C ALA A 337 -7.32 -6.90 -5.55
N VAL A 338 -7.99 -5.78 -5.32
CA VAL A 338 -7.45 -4.44 -5.54
C VAL A 338 -7.74 -3.65 -4.30
N ASP A 339 -6.78 -2.88 -3.81
CA ASP A 339 -7.00 -2.15 -2.56
C ASP A 339 -7.17 -0.63 -2.75
N SER A 340 -7.35 0.11 -1.64
CA SER A 340 -7.67 1.55 -1.71
C SER A 340 -6.56 2.37 -2.33
N SER A 341 -5.38 1.76 -2.44
CA SER A 341 -4.21 2.36 -3.08
C SER A 341 -4.05 1.88 -4.50
N TYR A 342 -5.02 1.12 -4.98
CA TYR A 342 -4.94 0.46 -6.27
C TYR A 342 -3.77 -0.55 -6.41
N ASN A 343 -3.26 -1.04 -5.30
CA ASN A 343 -2.33 -2.14 -5.35
C ASN A 343 -3.06 -3.39 -5.80
N VAL A 344 -2.32 -4.25 -6.50
CA VAL A 344 -2.88 -5.45 -7.11
C VAL A 344 -2.04 -6.68 -6.79
N GLN A 345 -2.58 -7.85 -7.09
CA GLN A 345 -1.87 -9.10 -6.89
C GLN A 345 -1.21 -9.48 -8.21
N PRO A 346 0.02 -10.06 -8.16
CA PRO A 346 0.78 -10.45 -9.37
C PRO A 346 0.28 -11.75 -9.99
N ASP A 347 0.49 -11.92 -11.29
CA ASP A 347 -0.06 -13.05 -12.04
C ASP A 347 0.48 -14.40 -11.59
N SER A 348 1.75 -14.44 -11.28
CA SER A 348 2.40 -15.70 -11.06
C SER A 348 3.29 -15.67 -9.84
N VAL A 349 3.59 -16.87 -9.37
CA VAL A 349 4.37 -17.10 -8.15
C VAL A 349 5.88 -17.07 -8.34
N ALA A 350 6.37 -17.60 -9.46
CA ALA A 350 7.85 -17.67 -9.70
C ALA A 350 8.64 -16.36 -9.40
N PRO A 351 8.21 -15.21 -9.92
CA PRO A 351 8.89 -13.94 -9.68
C PRO A 351 8.80 -13.33 -8.24
N ILE A 352 7.86 -13.81 -7.44
CA ILE A 352 7.75 -13.41 -6.01
C ILE A 352 8.25 -14.53 -5.07
N TRP A 353 8.87 -15.55 -5.65
CA TRP A 353 9.39 -16.68 -4.89
C TRP A 353 10.49 -16.19 -3.99
N ASN A 354 10.52 -16.76 -2.79
CA ASN A 354 11.56 -16.46 -1.83
C ASN A 354 11.76 -17.70 -0.94
N LEU A 355 12.98 -17.86 -0.44
CA LEU A 355 13.41 -19.07 0.27
C LEU A 355 12.66 -19.43 1.57
N ARG A 356 11.94 -18.50 2.15
CA ARG A 356 11.15 -18.83 3.33
C ARG A 356 9.67 -19.01 3.00
N GLY A 357 9.32 -18.88 1.72
CA GLY A 357 7.96 -19.08 1.30
C GLY A 357 6.96 -18.12 1.94
N VAL A 358 7.38 -16.89 2.23
CA VAL A 358 6.49 -15.89 2.77
C VAL A 358 5.97 -15.00 1.65
N LEU A 359 5.03 -14.11 1.96
CA LEU A 359 4.52 -13.16 0.98
C LEU A 359 4.06 -13.79 -0.33
N SER A 360 3.21 -14.80 -0.18
CA SER A 360 2.66 -15.59 -1.28
C SER A 360 1.32 -14.98 -1.60
N THR A 361 1.31 -14.12 -2.59
CA THR A 361 0.10 -13.41 -3.00
C THR A 361 -0.22 -13.51 -4.47
N ALA A 362 0.44 -14.39 -5.23
CA ALA A 362 0.02 -14.50 -6.64
C ALA A 362 -1.44 -15.01 -6.73
N TRP A 363 -2.06 -14.91 -7.89
CA TRP A 363 -3.44 -15.30 -7.99
C TRP A 363 -3.67 -16.76 -7.64
N HIS A 364 -4.71 -17.00 -6.85
CA HIS A 364 -5.09 -18.34 -6.43
C HIS A 364 -5.97 -18.94 -7.52
N ARG A 365 -5.70 -20.21 -7.83
CA ARG A 365 -6.34 -20.92 -8.95
C ARG A 365 -6.94 -22.25 -8.52
N VAL A 366 -8.19 -22.48 -8.87
CA VAL A 366 -8.85 -23.69 -8.48
C VAL A 366 -9.47 -24.33 -9.70
N ARG A 367 -9.17 -25.60 -9.94
CA ARG A 367 -9.75 -26.37 -11.05
C ARG A 367 -10.94 -27.16 -10.59
N VAL A 368 -12.08 -26.95 -11.24
CA VAL A 368 -13.28 -27.74 -11.00
C VAL A 368 -13.92 -28.00 -12.35
N SER A 369 -14.94 -28.85 -12.37
CA SER A 369 -15.68 -29.12 -13.61
C SER A 369 -17.16 -29.19 -13.31
N VAL A 370 -17.98 -29.00 -14.34
CA VAL A 370 -19.40 -29.13 -14.15
C VAL A 370 -19.79 -30.52 -14.63
N GLN A 371 -20.57 -31.19 -13.78
CA GLN A 371 -21.09 -32.53 -14.03
C GLN A 371 -21.71 -32.57 -15.39
N ASP A 372 -21.48 -33.68 -16.09
CA ASP A 372 -22.03 -33.90 -17.44
C ASP A 372 -23.51 -34.17 -17.42
N ARG B 14 8.80 15.27 -25.09
CA ARG B 14 7.76 14.98 -26.13
C ARG B 14 6.39 15.58 -25.76
N VAL B 15 5.82 16.31 -26.72
CA VAL B 15 4.51 16.95 -26.61
C VAL B 15 3.48 16.06 -27.34
N ASN B 16 2.46 15.54 -26.64
CA ASN B 16 1.38 14.75 -27.33
C ASN B 16 0.02 15.52 -27.49
N SER B 17 -0.01 16.76 -26.97
CA SER B 17 -1.17 17.68 -27.03
C SER B 17 -0.61 19.12 -26.98
N GLN B 18 -0.96 19.95 -27.96
CA GLN B 18 -0.47 21.36 -28.00
C GLN B 18 -1.45 22.40 -27.39
N LYS B 19 -2.75 22.14 -27.55
CA LYS B 19 -3.84 23.01 -27.03
C LYS B 19 -5.10 22.16 -26.66
N PRO B 20 -5.28 21.79 -25.37
CA PRO B 20 -4.50 22.09 -24.16
C PRO B 20 -3.13 21.37 -24.15
N PHE B 21 -2.11 22.07 -23.63
CA PHE B 21 -0.73 21.60 -23.63
C PHE B 21 -0.48 20.33 -22.78
N ASN B 22 0.55 19.59 -23.15
CA ASN B 22 0.91 18.37 -22.47
C ASN B 22 2.31 17.96 -22.94
N ALA B 23 3.26 17.82 -22.00
CA ALA B 23 4.62 17.44 -22.38
C ALA B 23 5.19 16.41 -21.43
N GLU B 24 5.99 15.48 -21.96
CA GLU B 24 6.64 14.49 -21.11
C GLU B 24 8.11 14.49 -21.51
N PRO B 25 9.03 14.47 -20.53
CA PRO B 25 10.44 14.48 -20.89
C PRO B 25 10.87 13.19 -21.59
N PRO B 26 11.88 13.32 -22.46
CA PRO B 26 12.36 12.14 -23.13
C PRO B 26 13.17 11.30 -22.17
N ALA B 27 13.02 9.99 -22.26
CA ALA B 27 13.69 9.06 -21.33
C ALA B 27 15.17 9.32 -21.10
N GLU B 28 15.87 9.82 -22.10
CA GLU B 28 17.31 10.03 -21.99
C GLU B 28 17.69 11.01 -20.89
N LEU B 29 16.80 11.94 -20.59
CA LEU B 29 17.00 12.92 -19.51
C LEU B 29 16.29 12.57 -18.18
N LEU B 30 15.04 12.07 -18.29
CA LEU B 30 14.13 11.74 -17.17
C LEU B 30 14.76 11.38 -15.80
N ALA B 31 15.62 10.36 -15.77
CA ALA B 31 16.20 9.87 -14.52
C ALA B 31 17.70 10.22 -14.36
N GLU B 32 18.12 11.30 -15.00
CA GLU B 32 19.51 11.71 -14.95
C GLU B 32 19.81 12.47 -13.68
N ARG B 33 18.77 13.05 -13.09
CA ARG B 33 18.89 13.78 -11.84
C ARG B 33 17.75 13.42 -10.95
N PHE B 34 18.03 13.58 -9.67
CA PHE B 34 17.07 13.26 -8.66
C PHE B 34 15.99 14.35 -8.66
N LEU B 35 16.40 15.60 -8.78
CA LEU B 35 15.46 16.70 -8.85
C LEU B 35 15.30 17.10 -10.30
N THR B 36 14.10 16.86 -10.81
CA THR B 36 13.80 17.17 -12.18
C THR B 36 13.76 18.68 -12.37
N PRO B 37 14.59 19.21 -13.29
CA PRO B 37 14.58 20.65 -13.49
C PRO B 37 13.20 21.17 -13.90
N ASN B 38 12.85 22.36 -13.43
CA ASN B 38 11.54 22.97 -13.75
C ASN B 38 11.20 22.99 -15.26
N GLU B 39 12.22 23.08 -16.09
CA GLU B 39 12.07 23.12 -17.53
C GLU B 39 11.77 21.74 -18.11
N LEU B 40 12.13 20.69 -17.38
CA LEU B 40 12.02 19.30 -17.82
C LEU B 40 10.74 18.61 -17.26
N PHE B 41 10.31 19.07 -16.10
CA PHE B 41 9.20 18.52 -15.34
C PHE B 41 7.95 18.39 -16.21
N PHE B 42 7.38 17.18 -16.32
CA PHE B 42 6.24 16.90 -17.22
C PHE B 42 5.10 17.85 -16.93
N THR B 43 4.33 18.19 -17.97
CA THR B 43 3.25 19.19 -17.85
C THR B 43 1.93 18.54 -18.29
N GLN B 44 0.90 18.66 -17.47
CA GLN B 44 -0.40 18.13 -17.81
C GLN B 44 -1.41 19.21 -17.48
N ASN B 45 -2.01 19.74 -18.55
CA ASN B 45 -2.98 20.83 -18.50
C ASN B 45 -4.25 20.39 -19.23
N HIS B 46 -5.40 20.39 -18.56
CA HIS B 46 -6.68 20.04 -19.20
C HIS B 46 -7.32 21.26 -19.89
N LEU B 47 -7.05 22.43 -19.35
CA LEU B 47 -7.68 23.63 -19.83
C LEU B 47 -6.64 24.72 -20.12
N PRO B 48 -7.06 25.78 -20.80
CA PRO B 48 -6.12 26.86 -21.07
C PRO B 48 -5.46 27.33 -19.77
N VAL B 49 -4.14 27.52 -19.83
CA VAL B 49 -3.39 28.00 -18.69
C VAL B 49 -3.64 29.50 -18.39
N PRO B 50 -4.07 29.83 -17.15
CA PRO B 50 -4.30 31.26 -16.79
C PRO B 50 -3.03 32.11 -16.54
N ALA B 51 -3.09 33.37 -16.96
CA ALA B 51 -2.02 34.32 -16.69
C ALA B 51 -2.53 35.10 -15.51
N VAL B 52 -2.11 34.69 -14.32
CA VAL B 52 -2.65 35.26 -13.10
C VAL B 52 -1.88 36.50 -12.76
N GLU B 53 -2.61 37.57 -12.47
CA GLU B 53 -1.98 38.81 -12.09
C GLU B 53 -1.70 38.65 -10.58
N PRO B 54 -0.41 38.72 -10.16
CA PRO B 54 -0.01 38.51 -8.75
C PRO B 54 -0.59 39.47 -7.71
N SER B 55 -0.52 40.78 -7.95
CA SER B 55 -1.00 41.74 -6.93
C SER B 55 -2.45 41.52 -6.51
N SER B 56 -3.32 41.34 -7.50
CA SER B 56 -4.75 41.13 -7.26
C SER B 56 -5.14 39.69 -6.82
N TYR B 57 -4.29 38.70 -7.11
CA TYR B 57 -4.55 37.30 -6.71
C TYR B 57 -4.93 37.15 -5.23
N ARG B 58 -6.01 36.41 -4.98
CA ARG B 58 -6.44 36.09 -3.62
C ARG B 58 -6.90 34.67 -3.55
N LEU B 59 -6.34 33.93 -2.61
CA LEU B 59 -6.79 32.58 -2.33
C LEU B 59 -7.89 32.66 -1.27
N ARG B 60 -9.05 32.15 -1.63
CA ARG B 60 -10.20 32.12 -0.76
C ARG B 60 -10.26 30.78 -0.09
N VAL B 61 -10.54 30.77 1.20
CA VAL B 61 -10.69 29.55 1.99
C VAL B 61 -11.93 29.71 2.91
N ASP B 62 -13.01 29.03 2.53
CA ASP B 62 -14.31 29.16 3.22
C ASP B 62 -14.29 28.63 4.64
N GLY B 63 -14.53 29.51 5.62
CA GLY B 63 -14.53 29.18 7.06
C GLY B 63 -15.55 28.13 7.53
N PRO B 64 -15.46 27.74 8.81
CA PRO B 64 -16.36 26.67 9.30
C PRO B 64 -17.82 27.10 9.40
N GLY B 65 -18.06 28.32 9.90
CA GLY B 65 -19.44 28.80 10.11
C GLY B 65 -20.11 29.32 8.85
N GLY B 66 -19.29 29.94 8.01
CA GLY B 66 -19.74 30.60 6.79
C GLY B 66 -18.77 31.70 6.37
N GLY B 67 -17.68 31.88 7.14
CA GLY B 67 -16.66 32.90 6.87
C GLY B 67 -15.82 32.64 5.62
N THR B 68 -14.88 33.53 5.38
CA THR B 68 -13.97 33.39 4.26
C THR B 68 -12.60 34.03 4.62
N LEU B 69 -11.53 33.23 4.68
CA LEU B 69 -10.20 33.79 4.65
C LEU B 69 -9.96 34.18 3.21
N SER B 70 -9.26 35.27 2.98
CA SER B 70 -8.87 35.66 1.64
C SER B 70 -7.44 36.11 1.79
N LEU B 71 -6.52 35.31 1.31
CA LEU B 71 -5.11 35.58 1.47
C LEU B 71 -4.43 36.00 0.19
N SER B 72 -3.69 37.11 0.26
CA SER B 72 -2.89 37.54 -0.87
C SER B 72 -1.69 36.62 -0.90
N LEU B 73 -0.99 36.60 -2.02
CA LEU B 73 0.24 35.85 -2.14
C LEU B 73 1.24 36.23 -1.06
N ALA B 74 1.32 37.52 -0.76
CA ALA B 74 2.24 37.99 0.23
C ALA B 74 1.86 37.44 1.60
N GLU B 75 0.56 37.36 1.88
CA GLU B 75 0.08 36.85 3.16
C GLU B 75 0.39 35.36 3.31
N LEU B 76 0.17 34.59 2.26
CA LEU B 76 0.38 33.18 2.35
C LEU B 76 1.83 32.90 2.67
N ARG B 77 2.71 33.71 2.12
CA ARG B 77 4.15 33.57 2.38
C ARG B 77 4.58 34.02 3.75
N SER B 78 3.92 35.05 4.32
CA SER B 78 4.37 35.69 5.58
C SER B 78 3.75 35.15 6.87
N ARG B 79 2.45 34.90 6.87
CA ARG B 79 1.78 34.39 8.07
C ARG B 79 1.98 32.89 8.39
N PHE B 80 2.50 32.08 7.48
CA PHE B 80 2.66 30.67 7.76
C PHE B 80 4.09 30.29 7.49
N PRO B 81 4.72 29.53 8.41
CA PRO B 81 6.13 29.15 8.21
C PRO B 81 6.28 28.25 7.00
N LYS B 82 7.30 28.55 6.20
CA LYS B 82 7.50 27.81 4.97
C LYS B 82 7.95 26.40 5.30
N HIS B 83 7.47 25.44 4.54
CA HIS B 83 7.83 24.06 4.74
C HIS B 83 8.23 23.53 3.38
N GLU B 84 9.34 22.80 3.31
CA GLU B 84 9.82 22.26 2.07
C GLU B 84 9.70 20.78 2.08
N VAL B 85 9.18 20.22 0.99
CA VAL B 85 8.99 18.79 0.85
C VAL B 85 9.44 18.33 -0.54
N THR B 86 10.26 17.28 -0.62
CA THR B 86 10.62 16.76 -1.93
C THR B 86 9.58 15.70 -2.27
N ALA B 87 8.87 15.89 -3.38
CA ALA B 87 7.79 14.99 -3.72
C ALA B 87 7.76 14.68 -5.21
N THR B 88 7.47 13.44 -5.54
CA THR B 88 7.39 13.06 -6.90
C THR B 88 5.94 13.11 -7.32
N LEU B 89 5.67 13.81 -8.43
CA LEU B 89 4.32 13.77 -9.04
C LEU B 89 4.25 12.77 -10.19
N GLN B 90 3.32 11.82 -10.08
CA GLN B 90 3.08 10.84 -11.13
C GLN B 90 1.63 10.99 -11.58
N CYS B 91 1.44 11.17 -12.86
CA CYS B 91 0.12 11.26 -13.40
C CYS B 91 -0.54 9.87 -13.51
N ALA B 92 -1.87 9.80 -13.41
CA ALA B 92 -2.59 8.51 -13.49
C ALA B 92 -2.39 7.79 -14.82
N GLY B 93 -2.17 8.56 -15.87
CA GLY B 93 -1.90 7.96 -17.19
C GLY B 93 -0.45 7.63 -17.51
N ASN B 94 0.45 7.76 -16.54
CA ASN B 94 1.84 7.32 -16.79
C ASN B 94 1.83 5.88 -17.35
N ARG B 95 2.63 5.66 -18.40
CA ARG B 95 2.76 4.38 -19.11
C ARG B 95 1.46 3.94 -19.75
N ARG B 96 0.64 4.90 -20.18
CA ARG B 96 -0.61 4.59 -20.84
C ARG B 96 -0.44 3.85 -22.16
N SER B 97 0.67 4.11 -22.86
CA SER B 97 0.83 3.52 -24.18
C SER B 97 1.00 2.00 -24.13
N GLU B 98 1.56 1.50 -23.04
CA GLU B 98 1.69 0.06 -22.85
C GLU B 98 0.35 -0.60 -22.77
N MET B 99 -0.61 0.16 -22.26
CA MET B 99 -1.93 -0.38 -22.09
C MET B 99 -2.69 -0.30 -23.40
N SER B 100 -2.49 0.78 -24.14
CA SER B 100 -3.07 0.90 -25.46
C SER B 100 -2.63 -0.18 -26.41
N ARG B 101 -1.49 -0.78 -26.16
CA ARG B 101 -1.04 -1.81 -27.05
C ARG B 101 -1.85 -3.10 -26.88
N VAL B 102 -2.40 -3.36 -25.69
CA VAL B 102 -3.28 -4.51 -25.46
C VAL B 102 -4.63 -4.34 -26.16
N ARG B 103 -5.32 -3.27 -25.81
CA ARG B 103 -6.56 -2.87 -26.48
C ARG B 103 -6.61 -1.36 -26.44
N PRO B 104 -7.18 -0.72 -27.47
CA PRO B 104 -7.23 0.75 -27.46
C PRO B 104 -7.91 1.31 -26.24
N VAL B 105 -7.44 2.46 -25.77
CA VAL B 105 -8.00 3.13 -24.60
C VAL B 105 -8.22 4.59 -24.90
N LYS B 106 -8.85 5.33 -24.01
CA LYS B 106 -9.02 6.76 -24.24
C LYS B 106 -8.05 7.58 -23.36
N GLY B 107 -7.36 8.53 -23.98
CA GLY B 107 -6.43 9.40 -23.29
C GLY B 107 -5.12 9.60 -24.03
N LEU B 108 -4.35 10.56 -23.53
CA LEU B 108 -3.06 10.95 -24.08
C LEU B 108 -2.07 9.81 -23.93
N PRO B 109 -1.29 9.55 -24.99
CA PRO B 109 -0.42 8.39 -25.03
C PRO B 109 0.90 8.62 -24.35
N TRP B 110 0.86 8.95 -23.07
CA TRP B 110 2.07 9.06 -22.28
C TRP B 110 2.91 7.78 -22.41
N ASP B 111 4.23 7.91 -22.34
CA ASP B 111 5.14 6.74 -22.29
C ASP B 111 5.53 6.58 -20.80
N ILE B 112 6.82 6.55 -20.47
CA ILE B 112 7.28 6.35 -19.08
C ILE B 112 7.64 7.63 -18.33
N GLY B 113 7.43 8.78 -18.96
CA GLY B 113 7.83 10.06 -18.38
C GLY B 113 6.76 10.93 -17.80
N ALA B 114 5.57 10.39 -17.52
CA ALA B 114 4.52 11.21 -16.94
C ALA B 114 4.72 11.15 -15.44
N ILE B 115 5.92 11.56 -15.03
CA ILE B 115 6.37 11.53 -13.63
C ILE B 115 7.62 12.40 -13.48
N SER B 116 7.70 13.17 -12.40
CA SER B 116 8.84 14.05 -12.16
C SER B 116 8.86 14.35 -10.71
N THR B 117 10.00 14.89 -10.28
CA THR B 117 10.30 15.14 -8.90
C THR B 117 10.87 16.55 -8.69
N ALA B 118 10.46 17.21 -7.60
CA ALA B 118 10.93 18.56 -7.25
C ALA B 118 10.84 18.83 -5.73
N ARG B 119 11.69 19.72 -5.25
CA ARG B 119 11.56 20.17 -3.87
C ARG B 119 10.56 21.33 -3.91
N TRP B 120 9.44 21.15 -3.22
CA TRP B 120 8.35 22.09 -3.20
C TRP B 120 8.43 22.94 -1.95
N GLY B 121 8.10 24.22 -2.09
CA GLY B 121 8.11 25.12 -0.98
C GLY B 121 6.78 25.84 -0.88
N GLY B 122 6.23 25.84 0.33
CA GLY B 122 5.01 26.54 0.61
C GLY B 122 4.57 26.40 2.04
N ALA B 123 3.34 26.86 2.28
CA ALA B 123 2.66 26.72 3.56
C ALA B 123 1.97 25.34 3.63
N ARG B 124 1.91 24.78 4.82
CA ARG B 124 1.19 23.53 5.03
C ARG B 124 -0.31 23.82 4.96
N LEU B 125 -1.03 22.96 4.24
CA LEU B 125 -2.47 23.11 4.13
C LEU B 125 -3.04 23.05 5.54
N ARG B 126 -2.48 22.14 6.33
CA ARG B 126 -2.88 21.97 7.72
C ARG B 126 -2.95 23.32 8.45
N ASP B 127 -1.88 24.13 8.35
CA ASP B 127 -1.76 25.39 9.07
C ASP B 127 -2.77 26.43 8.60
N VAL B 128 -2.94 26.50 7.29
CA VAL B 128 -3.92 27.39 6.69
C VAL B 128 -5.33 27.02 7.18
N LEU B 129 -5.64 25.73 7.25
CA LEU B 129 -6.96 25.30 7.69
C LEU B 129 -7.19 25.63 9.15
N LEU B 130 -6.19 25.34 9.99
CA LEU B 130 -6.31 25.62 11.40
C LEU B 130 -6.41 27.13 11.58
N HIS B 131 -5.70 27.85 10.74
CA HIS B 131 -5.74 29.29 10.78
C HIS B 131 -7.17 29.81 10.52
N ALA B 132 -7.88 29.20 9.57
CA ALA B 132 -9.24 29.61 9.22
C ALA B 132 -10.31 29.24 10.23
N GLY B 133 -9.94 28.65 11.36
CA GLY B 133 -10.92 28.27 12.35
C GLY B 133 -11.26 26.80 12.35
N PHE B 134 -10.87 26.02 11.33
CA PHE B 134 -11.20 24.58 11.29
C PHE B 134 -10.49 23.76 12.35
N PRO B 135 -11.11 22.63 12.73
CA PRO B 135 -10.57 21.76 13.78
C PRO B 135 -9.70 20.64 13.25
N GLU B 136 -9.01 19.99 14.17
CA GLU B 136 -8.06 18.96 13.81
C GLU B 136 -8.70 17.73 13.20
N GLU B 137 -9.96 17.46 13.55
CA GLU B 137 -10.72 16.33 13.00
C GLU B 137 -12.20 16.65 12.99
N LEU B 138 -12.98 15.79 12.35
CA LEU B 138 -14.42 15.94 12.26
C LEU B 138 -15.04 14.52 12.24
N GLN B 139 -16.15 14.29 12.94
CA GLN B 139 -16.77 12.96 12.90
C GLN B 139 -17.30 12.74 11.47
N GLY B 140 -16.92 11.60 10.88
CA GLY B 140 -17.37 11.24 9.53
C GLY B 140 -16.38 11.56 8.42
N GLU B 141 -16.79 11.27 7.18
CA GLU B 141 -15.92 11.52 6.04
C GLU B 141 -16.18 12.90 5.48
N TRP B 142 -15.23 13.79 5.75
CA TRP B 142 -15.22 15.11 5.18
C TRP B 142 -14.11 15.16 4.16
N HIS B 143 -14.13 16.23 3.38
CA HIS B 143 -13.17 16.38 2.30
C HIS B 143 -12.77 17.82 2.18
N VAL B 144 -11.57 18.03 1.66
CA VAL B 144 -11.11 19.36 1.36
C VAL B 144 -11.07 19.44 -0.16
N CYS B 145 -11.80 20.43 -0.71
CA CYS B 145 -11.94 20.59 -2.13
C CYS B 145 -11.10 21.73 -2.64
N PHE B 146 -10.75 21.66 -3.92
CA PHE B 146 -9.87 22.63 -4.54
C PHE B 146 -10.37 23.04 -5.92
N GLU B 147 -10.20 24.31 -6.27
CA GLU B 147 -10.55 24.82 -7.59
C GLU B 147 -9.41 25.58 -8.11
N GLY B 148 -9.14 25.38 -9.40
CA GLY B 148 -8.09 26.12 -10.09
C GLY B 148 -8.73 27.30 -10.78
N LEU B 149 -7.91 28.26 -11.21
CA LEU B 149 -8.40 29.41 -11.96
C LEU B 149 -8.68 29.03 -13.41
N ASP B 150 -8.12 27.91 -13.87
CA ASP B 150 -8.36 27.48 -15.24
C ASP B 150 -9.81 27.02 -15.38
N ALA B 151 -10.37 27.17 -16.58
CA ALA B 151 -11.78 26.81 -16.77
C ALA B 151 -12.15 26.51 -18.21
N ASP B 152 -13.12 25.61 -18.38
CA ASP B 152 -13.61 25.31 -19.72
C ASP B 152 -14.43 26.54 -20.22
N PRO B 153 -15.03 26.45 -21.43
CA PRO B 153 -15.72 27.67 -21.93
C PRO B 153 -16.99 27.98 -21.15
N GLY B 154 -17.68 26.91 -20.71
CA GLY B 154 -18.89 27.00 -19.85
C GLY B 154 -18.57 27.65 -18.52
N GLY B 155 -17.29 27.68 -18.14
CA GLY B 155 -16.85 28.32 -16.92
C GLY B 155 -16.50 27.33 -15.81
N ALA B 156 -16.81 26.04 -16.00
CA ALA B 156 -16.48 25.05 -15.00
C ALA B 156 -14.96 24.91 -14.91
N PRO B 157 -14.43 25.03 -13.68
CA PRO B 157 -13.02 24.93 -13.47
C PRO B 157 -12.55 23.50 -13.12
N TYR B 158 -11.24 23.31 -13.19
CA TYR B 158 -10.63 22.07 -12.77
C TYR B 158 -10.72 22.06 -11.28
N GLY B 159 -11.14 20.93 -10.72
CA GLY B 159 -11.16 20.78 -9.29
C GLY B 159 -10.78 19.37 -8.90
N ALA B 160 -10.41 19.22 -7.64
CA ALA B 160 -10.09 17.96 -7.02
C ALA B 160 -10.29 18.11 -5.53
N SER B 161 -10.23 16.98 -4.83
CA SER B 161 -10.36 16.95 -3.38
C SER B 161 -9.54 15.86 -2.77
N ILE B 162 -9.33 16.00 -1.46
CA ILE B 162 -8.63 14.99 -0.71
C ILE B 162 -9.35 14.84 0.61
N PRO B 163 -9.31 13.63 1.17
CA PRO B 163 -9.96 13.50 2.47
C PRO B 163 -9.38 14.49 3.50
N TYR B 164 -10.27 14.99 4.34
CA TYR B 164 -9.95 15.92 5.37
C TYR B 164 -8.78 15.43 6.25
N GLY B 165 -8.83 14.16 6.67
CA GLY B 165 -7.78 13.59 7.54
C GLY B 165 -6.38 13.79 6.99
N ARG B 166 -6.23 13.65 5.67
CA ARG B 166 -4.93 13.87 5.00
C ARG B 166 -4.53 15.34 4.99
N ALA B 167 -5.50 16.14 4.60
CA ALA B 167 -5.37 17.59 4.60
C ALA B 167 -4.85 18.13 5.96
N LEU B 168 -5.35 17.55 7.06
CA LEU B 168 -4.99 17.97 8.40
C LEU B 168 -3.78 17.27 9.03
N SER B 169 -3.31 16.19 8.44
CA SER B 169 -2.19 15.45 9.03
C SER B 169 -0.82 16.09 8.90
N PRO B 170 -0.08 16.23 10.01
CA PRO B 170 1.28 16.78 9.90
C PRO B 170 2.17 15.91 8.99
N ALA B 171 2.07 14.61 9.19
CA ALA B 171 2.90 13.66 8.47
C ALA B 171 2.69 13.62 6.95
N ALA B 172 1.45 13.83 6.50
CA ALA B 172 1.10 13.79 5.08
C ALA B 172 1.71 14.95 4.23
N ASP B 173 2.23 15.98 4.90
CA ASP B 173 2.97 17.05 4.26
C ASP B 173 2.24 17.71 3.09
N VAL B 174 0.91 17.85 3.13
CA VAL B 174 0.25 18.47 2.00
C VAL B 174 0.59 19.95 1.98
N LEU B 175 0.95 20.50 0.82
CA LEU B 175 1.36 21.89 0.75
C LEU B 175 0.59 22.74 -0.21
N LEU B 176 0.58 24.05 0.07
CA LEU B 176 0.09 25.05 -0.86
C LEU B 176 1.38 25.74 -1.22
N ALA B 177 1.98 25.22 -2.27
CA ALA B 177 3.30 25.61 -2.66
C ALA B 177 3.30 26.82 -3.56
N TYR B 178 4.24 27.73 -3.26
CA TYR B 178 4.50 28.90 -4.09
C TYR B 178 5.92 28.87 -4.66
N GLU B 179 6.67 27.80 -4.35
CA GLU B 179 8.04 27.58 -4.84
C GLU B 179 8.27 26.15 -5.35
N MET B 180 9.10 26.05 -6.39
CA MET B 180 9.46 24.77 -7.04
C MET B 180 10.94 24.79 -7.41
N ASN B 181 11.70 23.85 -6.83
CA ASN B 181 13.14 23.80 -6.96
C ASN B 181 13.73 25.16 -6.67
N GLY B 182 13.31 25.73 -5.54
CA GLY B 182 13.79 27.02 -5.07
C GLY B 182 13.45 28.27 -5.88
N THR B 183 12.55 28.19 -6.85
CA THR B 183 12.18 29.37 -7.64
C THR B 183 10.69 29.46 -7.57
N GLU B 184 10.11 30.62 -7.84
CA GLU B 184 8.65 30.70 -7.84
C GLU B 184 8.04 29.70 -8.85
N LEU B 185 6.81 29.25 -8.60
CA LEU B 185 6.20 28.28 -9.51
C LEU B 185 6.07 28.87 -10.87
N PRO B 186 6.43 28.10 -11.90
CA PRO B 186 6.25 28.54 -13.28
C PRO B 186 4.80 28.57 -13.66
N ARG B 187 4.49 29.33 -14.70
CA ARG B 187 3.13 29.33 -15.23
C ARG B 187 2.56 27.93 -15.47
N ASP B 188 3.23 27.08 -16.23
CA ASP B 188 2.66 25.77 -16.52
C ASP B 188 2.48 24.85 -15.30
N HIS B 189 3.22 25.10 -14.24
CA HIS B 189 3.09 24.29 -13.02
C HIS B 189 2.30 24.95 -11.88
N GLY B 190 1.40 25.91 -12.20
CA GLY B 190 0.43 26.48 -11.25
C GLY B 190 0.55 27.87 -10.66
N PHE B 191 1.43 28.70 -11.23
CA PHE B 191 1.70 30.07 -10.73
C PHE B 191 0.42 30.86 -10.44
N PRO B 192 0.32 31.45 -9.24
CA PRO B 192 1.31 31.53 -8.14
C PRO B 192 1.21 30.47 -7.05
N VAL B 193 0.23 29.60 -7.10
CA VAL B 193 0.03 28.63 -6.04
C VAL B 193 -0.59 27.32 -6.53
N ARG B 194 -0.15 26.20 -5.99
CA ARG B 194 -0.76 24.93 -6.34
C ARG B 194 -0.77 24.06 -5.12
N VAL B 195 -1.70 23.11 -5.07
CA VAL B 195 -1.71 22.14 -3.97
C VAL B 195 -0.67 21.10 -4.39
N VAL B 196 0.17 20.63 -3.47
CA VAL B 196 1.00 19.49 -3.79
C VAL B 196 0.63 18.46 -2.75
N VAL B 197 0.04 17.34 -3.19
CA VAL B 197 -0.35 16.25 -2.30
C VAL B 197 0.64 15.09 -2.42
N PRO B 198 1.57 14.95 -1.46
CA PRO B 198 2.56 13.85 -1.59
C PRO B 198 2.02 12.42 -1.56
N GLY B 199 2.67 11.53 -2.31
CA GLY B 199 2.24 10.13 -2.33
C GLY B 199 0.88 9.89 -2.96
N VAL B 200 0.36 10.91 -3.63
CA VAL B 200 -0.96 10.89 -4.25
C VAL B 200 -0.84 11.20 -5.76
N VAL B 201 -1.75 10.65 -6.54
CA VAL B 201 -1.77 10.86 -8.00
C VAL B 201 -1.76 12.35 -8.36
N GLY B 202 -1.09 12.70 -9.45
CA GLY B 202 -0.95 14.11 -9.83
C GLY B 202 -2.25 14.88 -9.91
N ALA B 203 -3.30 14.21 -10.32
CA ALA B 203 -4.60 14.83 -10.53
C ALA B 203 -5.12 15.67 -9.38
N ARG B 204 -4.70 15.37 -8.16
CA ARG B 204 -5.25 16.07 -7.00
C ARG B 204 -4.47 17.35 -6.60
N SER B 205 -3.23 17.45 -7.08
CA SER B 205 -2.36 18.59 -6.85
C SER B 205 -2.80 19.72 -7.77
N VAL B 206 -3.94 20.32 -7.46
CA VAL B 206 -4.51 21.37 -8.28
C VAL B 206 -3.67 22.66 -8.45
N LYS B 207 -3.39 22.98 -9.71
CA LYS B 207 -2.64 24.15 -10.09
C LYS B 207 -3.53 25.38 -10.20
N TRP B 208 -2.91 26.55 -9.99
CA TRP B 208 -3.54 27.87 -10.08
C TRP B 208 -4.68 27.99 -9.13
N LEU B 209 -4.43 27.56 -7.91
CA LEU B 209 -5.42 27.49 -6.86
C LEU B 209 -6.10 28.83 -6.59
N ARG B 210 -7.43 28.78 -6.56
CA ARG B 210 -8.29 29.92 -6.36
C ARG B 210 -9.05 29.78 -5.05
N ARG B 211 -9.43 28.54 -4.76
CA ARG B 211 -10.23 28.24 -3.60
C ARG B 211 -9.94 26.91 -2.95
N VAL B 212 -10.14 26.89 -1.63
CA VAL B 212 -10.01 25.71 -0.79
C VAL B 212 -11.25 25.66 0.08
N ALA B 213 -12.09 24.62 -0.07
CA ALA B 213 -13.32 24.50 0.69
C ALA B 213 -13.49 23.15 1.37
N VAL B 214 -13.91 23.18 2.63
CA VAL B 214 -14.13 21.96 3.39
C VAL B 214 -15.57 21.53 3.16
N SER B 215 -15.73 20.33 2.63
CA SER B 215 -17.04 19.86 2.32
C SER B 215 -17.24 18.48 2.87
N PRO B 216 -18.48 18.17 3.23
CA PRO B 216 -18.82 16.83 3.67
C PRO B 216 -18.80 15.82 2.52
N ASP B 217 -18.74 16.33 1.30
CA ASP B 217 -18.71 15.49 0.12
C ASP B 217 -17.45 15.76 -0.67
N GLU B 218 -17.08 14.81 -1.52
CA GLU B 218 -15.93 14.95 -2.38
C GLU B 218 -16.19 16.05 -3.37
N SER B 219 -15.16 16.48 -4.09
CA SER B 219 -15.32 17.51 -5.12
C SER B 219 -16.28 17.07 -6.20
N PRO B 220 -17.14 17.97 -6.63
CA PRO B 220 -18.09 17.62 -7.66
C PRO B 220 -17.50 17.71 -9.05
N SER B 221 -16.25 18.19 -9.16
CA SER B 221 -15.57 18.28 -10.45
C SER B 221 -15.54 16.97 -11.25
N HIS B 222 -15.57 17.13 -12.57
CA HIS B 222 -15.54 16.03 -13.55
C HIS B 222 -14.39 15.03 -13.36
N TRP B 223 -13.24 15.56 -12.94
CA TRP B 223 -12.02 14.77 -12.80
C TRP B 223 -11.94 14.06 -11.45
N GLN B 224 -12.72 14.52 -10.46
CA GLN B 224 -12.83 13.80 -9.19
C GLN B 224 -13.91 12.72 -9.30
N GLN B 225 -15.03 13.06 -9.97
CA GLN B 225 -16.17 12.18 -10.08
C GLN B 225 -16.20 11.20 -11.24
N ASN B 226 -15.91 11.70 -12.44
CA ASN B 226 -16.12 10.91 -13.63
C ASN B 226 -14.85 10.65 -14.39
N ASP B 227 -13.75 10.63 -13.66
CA ASP B 227 -12.52 10.26 -14.28
C ASP B 227 -11.55 9.72 -13.24
N TYR B 228 -10.44 9.19 -13.72
CA TYR B 228 -9.34 8.82 -12.85
C TYR B 228 -9.77 7.85 -11.75
N LYS B 229 -10.39 6.77 -12.17
CA LYS B 229 -10.76 5.68 -11.28
C LYS B 229 -10.29 4.41 -11.94
N GLY B 230 -10.33 3.29 -11.21
CA GLY B 230 -9.92 2.02 -11.75
C GLY B 230 -11.08 1.05 -11.85
N PHE B 231 -11.07 0.29 -12.94
CA PHE B 231 -12.14 -0.65 -13.21
C PHE B 231 -11.54 -1.96 -13.61
N SER B 232 -12.39 -2.98 -13.52
CA SER B 232 -12.09 -4.32 -13.94
C SER B 232 -11.78 -4.28 -15.45
N PRO B 233 -10.89 -5.14 -15.94
CA PRO B 233 -10.66 -5.15 -17.40
C PRO B 233 -11.88 -5.56 -18.29
N CYS B 234 -12.96 -6.06 -17.70
CA CYS B 234 -14.15 -6.39 -18.47
C CYS B 234 -15.00 -5.15 -18.76
N VAL B 235 -14.79 -4.08 -18.00
CA VAL B 235 -15.56 -2.87 -18.16
C VAL B 235 -15.26 -2.16 -19.47
N ASP B 236 -16.30 -1.84 -20.21
CA ASP B 236 -16.12 -1.06 -21.41
C ASP B 236 -16.95 0.23 -21.34
N TRP B 237 -16.89 1.04 -22.38
CA TRP B 237 -17.62 2.27 -22.39
C TRP B 237 -19.12 2.09 -22.16
N ASP B 238 -19.70 1.02 -22.71
CA ASP B 238 -21.14 0.77 -22.55
C ASP B 238 -21.60 0.31 -21.15
N THR B 239 -20.67 -0.07 -20.27
CA THR B 239 -20.99 -0.53 -18.91
C THR B 239 -20.32 0.26 -17.82
N VAL B 240 -19.32 1.05 -18.15
CA VAL B 240 -18.62 1.77 -17.11
C VAL B 240 -19.56 2.63 -16.25
N ASP B 241 -19.30 2.61 -14.95
CA ASP B 241 -20.08 3.38 -13.98
C ASP B 241 -19.13 3.80 -12.88
N TYR B 242 -18.83 5.10 -12.83
CA TYR B 242 -17.84 5.64 -11.93
C TYR B 242 -18.30 5.62 -10.48
N ARG B 243 -19.55 5.26 -10.24
CA ARG B 243 -20.01 5.10 -8.88
C ARG B 243 -19.52 3.79 -8.29
N THR B 244 -19.01 2.87 -9.11
CA THR B 244 -18.58 1.60 -8.54
C THR B 244 -17.16 1.60 -8.07
N ALA B 245 -16.46 2.73 -8.15
CA ALA B 245 -15.02 2.74 -7.80
C ALA B 245 -14.62 3.99 -7.06
N PRO B 246 -13.55 3.89 -6.28
CA PRO B 246 -13.15 5.09 -5.58
C PRO B 246 -12.21 5.91 -6.44
N ALA B 247 -12.18 7.20 -6.18
CA ALA B 247 -11.27 8.09 -6.83
C ALA B 247 -9.83 7.68 -6.53
N ILE B 248 -8.99 7.62 -7.56
CA ILE B 248 -7.58 7.35 -7.32
C ILE B 248 -6.99 8.39 -6.38
N GLN B 249 -6.36 7.95 -5.32
CA GLN B 249 -5.71 8.86 -4.41
C GLN B 249 -4.25 8.41 -4.38
N GLU B 250 -3.89 7.55 -3.42
CA GLU B 250 -2.55 6.98 -3.39
C GLU B 250 -2.37 6.04 -4.61
N LEU B 251 -1.15 5.99 -5.13
CA LEU B 251 -0.84 5.14 -6.28
C LEU B 251 -0.09 3.89 -5.91
N PRO B 252 -0.22 2.86 -6.75
CA PRO B 252 0.53 1.65 -6.53
C PRO B 252 2.00 1.74 -6.90
N VAL B 253 2.76 0.77 -6.43
CA VAL B 253 4.18 0.69 -6.66
C VAL B 253 4.42 0.56 -8.17
N GLN B 254 5.50 1.20 -8.62
CA GLN B 254 5.81 1.43 -10.02
C GLN B 254 7.30 1.50 -10.28
N SER B 255 7.72 1.09 -11.47
CA SER B 255 9.12 1.25 -11.90
C SER B 255 9.22 1.26 -13.41
N ALA B 256 10.37 1.72 -13.91
CA ALA B 256 10.67 1.71 -15.35
C ALA B 256 12.18 1.88 -15.64
N VAL B 257 12.56 1.45 -16.82
CA VAL B 257 13.90 1.46 -17.29
C VAL B 257 14.09 2.64 -18.24
N THR B 258 14.96 3.55 -17.87
CA THR B 258 15.25 4.67 -18.73
C THR B 258 16.47 4.41 -19.62
N GLN B 259 17.33 3.51 -19.19
CA GLN B 259 18.55 3.22 -19.90
C GLN B 259 18.90 1.75 -19.78
N PRO B 260 19.16 1.07 -20.93
CA PRO B 260 19.12 1.58 -22.31
C PRO B 260 17.70 1.77 -22.85
N ARG B 261 17.59 2.16 -24.12
CA ARG B 261 16.30 2.46 -24.77
C ARG B 261 15.87 1.38 -25.73
N PRO B 262 14.56 1.18 -25.92
CA PRO B 262 14.13 0.10 -26.84
C PRO B 262 14.91 0.04 -28.14
N GLY B 263 15.32 -1.15 -28.56
CA GLY B 263 16.01 -1.31 -29.84
C GLY B 263 17.46 -0.85 -29.85
N ALA B 264 17.99 -0.52 -28.69
CA ALA B 264 19.36 -0.06 -28.62
C ALA B 264 20.28 -1.20 -29.00
N ALA B 265 21.49 -0.82 -29.40
CA ALA B 265 22.51 -1.79 -29.73
C ALA B 265 23.68 -1.38 -28.88
N VAL B 266 23.87 -2.15 -27.82
CA VAL B 266 24.91 -1.83 -26.87
C VAL B 266 26.16 -2.64 -27.14
N PRO B 267 27.31 -2.09 -26.76
CA PRO B 267 28.54 -2.82 -26.97
C PRO B 267 28.72 -3.93 -25.90
N PRO B 268 29.40 -5.03 -26.26
CA PRO B 268 29.61 -6.13 -25.33
C PRO B 268 30.52 -5.74 -24.19
N GLY B 269 30.51 -6.52 -23.12
CA GLY B 269 31.30 -6.23 -21.92
C GLY B 269 30.34 -5.87 -20.80
N GLU B 270 30.25 -4.60 -20.46
CA GLU B 270 29.34 -4.19 -19.41
C GLU B 270 28.32 -3.20 -19.86
N LEU B 271 27.22 -3.24 -19.13
CA LEU B 271 26.08 -2.46 -19.43
C LEU B 271 25.54 -1.96 -18.12
N THR B 272 25.25 -0.67 -18.05
CA THR B 272 24.65 -0.09 -16.87
C THR B 272 23.17 0.21 -17.13
N VAL B 273 22.29 -0.67 -16.63
CA VAL B 273 20.85 -0.46 -16.76
C VAL B 273 20.44 0.55 -15.68
N LYS B 274 19.61 1.53 -16.07
CA LYS B 274 19.16 2.52 -15.09
C LYS B 274 17.68 2.82 -15.20
N GLY B 275 17.11 3.35 -14.14
CA GLY B 275 15.70 3.68 -14.14
C GLY B 275 15.23 4.31 -12.85
N TYR B 276 13.92 4.39 -12.71
CA TYR B 276 13.28 4.92 -11.50
C TYR B 276 12.32 3.89 -10.90
N ALA B 277 11.94 4.13 -9.65
CA ALA B 277 10.94 3.32 -8.97
C ALA B 277 10.34 4.20 -7.92
N TRP B 278 9.06 4.01 -7.63
CA TRP B 278 8.34 4.89 -6.70
C TRP B 278 7.06 4.21 -6.27
N SER B 279 6.55 4.56 -5.09
CA SER B 279 5.31 3.98 -4.58
C SER B 279 4.50 5.06 -3.88
N GLY B 280 3.19 4.91 -3.87
CA GLY B 280 2.31 5.88 -3.24
C GLY B 280 2.21 5.81 -1.73
N GLY B 281 1.52 6.81 -1.17
CA GLY B 281 1.20 6.88 0.26
C GLY B 281 2.37 6.92 1.23
N GLY B 282 3.53 7.38 0.74
CA GLY B 282 4.70 7.52 1.61
C GLY B 282 5.55 6.28 1.79
N ARG B 283 5.19 5.21 1.06
CA ARG B 283 5.89 3.93 1.14
C ARG B 283 7.19 3.92 0.33
N GLU B 284 8.28 3.52 0.95
CA GLU B 284 9.55 3.56 0.24
C GLU B 284 9.69 2.33 -0.59
N VAL B 285 10.53 2.46 -1.60
CA VAL B 285 10.93 1.36 -2.43
C VAL B 285 12.04 0.64 -1.69
N VAL B 286 11.87 -0.65 -1.44
CA VAL B 286 12.91 -1.39 -0.69
C VAL B 286 13.78 -2.25 -1.59
N ARG B 287 13.34 -2.50 -2.82
CA ARG B 287 14.10 -3.32 -3.74
C ARG B 287 13.58 -3.15 -5.15
N VAL B 288 14.49 -3.31 -6.10
CA VAL B 288 14.18 -3.27 -7.49
C VAL B 288 14.92 -4.44 -8.11
N ASP B 289 14.16 -5.33 -8.72
CA ASP B 289 14.70 -6.52 -9.35
C ASP B 289 14.83 -6.22 -10.81
N VAL B 290 15.91 -6.66 -11.42
CA VAL B 290 16.12 -6.41 -12.84
C VAL B 290 16.50 -7.75 -13.46
N SER B 291 15.99 -7.99 -14.68
CA SER B 291 16.21 -9.24 -15.39
C SER B 291 16.69 -8.88 -16.74
N LEU B 292 17.44 -9.76 -17.36
CA LEU B 292 17.95 -9.51 -18.71
C LEU B 292 17.50 -10.56 -19.71
N ASP B 293 16.78 -11.57 -19.21
CA ASP B 293 16.34 -12.70 -20.00
C ASP B 293 14.82 -12.80 -19.88
N GLY B 294 14.16 -11.67 -20.05
CA GLY B 294 12.73 -11.64 -20.11
C GLY B 294 11.89 -11.86 -18.88
N GLY B 295 12.52 -11.86 -17.70
CA GLY B 295 11.83 -12.07 -16.44
C GLY B 295 12.07 -13.45 -15.83
N ARG B 296 13.02 -14.20 -16.34
CA ARG B 296 13.23 -15.53 -15.79
C ARG B 296 14.23 -15.53 -14.66
N THR B 297 15.25 -14.68 -14.75
CA THR B 297 16.28 -14.61 -13.69
C THR B 297 16.46 -13.15 -13.33
N TRP B 298 16.72 -12.89 -12.05
CA TRP B 298 16.72 -11.50 -11.57
C TRP B 298 17.95 -11.16 -10.80
N LYS B 299 18.33 -9.88 -10.80
CA LYS B 299 19.43 -9.42 -9.97
C LYS B 299 18.92 -8.18 -9.28
N VAL B 300 19.53 -7.84 -8.17
CA VAL B 300 19.16 -6.71 -7.38
C VAL B 300 19.91 -5.48 -7.84
N ALA B 301 19.15 -4.42 -8.12
CA ALA B 301 19.72 -3.15 -8.49
C ALA B 301 20.10 -2.44 -7.23
N ARG B 302 20.97 -1.47 -7.43
CA ARG B 302 21.40 -0.57 -6.40
C ARG B 302 20.44 0.62 -6.36
N LEU B 303 19.91 0.92 -5.18
CA LEU B 303 19.06 2.08 -5.01
C LEU B 303 19.97 3.23 -4.65
N MET B 304 19.84 4.36 -5.37
CA MET B 304 20.59 5.58 -5.06
C MET B 304 19.53 6.37 -4.35
N GLY B 305 19.92 7.21 -3.42
CA GLY B 305 18.93 8.03 -2.74
C GLY B 305 19.33 8.20 -1.30
N ASP B 306 18.33 8.57 -0.50
CA ASP B 306 18.48 8.76 0.94
C ASP B 306 17.22 8.34 1.64
N LYS B 307 17.36 7.52 2.65
CA LYS B 307 16.18 7.11 3.35
C LYS B 307 15.45 8.37 3.84
N ALA B 308 14.15 8.36 3.58
CA ALA B 308 13.26 9.39 4.05
C ALA B 308 12.70 8.83 5.34
N PRO B 309 12.05 9.66 6.15
CA PRO B 309 11.52 9.12 7.39
C PRO B 309 10.50 8.06 7.09
N PRO B 310 10.26 7.14 8.04
CA PRO B 310 9.25 6.10 7.78
C PRO B 310 7.95 6.75 7.40
N GLY B 311 7.27 6.22 6.37
CA GLY B 311 5.97 6.70 5.94
C GLY B 311 5.96 8.05 5.23
N ARG B 312 7.14 8.61 4.99
CA ARG B 312 7.21 9.89 4.36
C ARG B 312 8.15 9.86 3.16
N ALA B 313 8.13 8.72 2.45
CA ALA B 313 8.94 8.51 1.21
C ALA B 313 8.24 9.04 -0.05
N TRP B 314 8.14 10.35 -0.12
CA TRP B 314 7.38 11.00 -1.18
C TRP B 314 8.11 11.04 -2.51
N ALA B 315 9.43 10.95 -2.47
CA ALA B 315 10.23 11.05 -3.66
C ALA B 315 10.59 9.69 -4.24
N TRP B 316 10.70 9.62 -5.56
CA TRP B 316 11.08 8.40 -6.22
C TRP B 316 12.48 8.01 -5.81
N ALA B 317 12.82 6.79 -6.20
CA ALA B 317 14.15 6.26 -6.08
C ALA B 317 14.70 5.87 -7.46
N LEU B 318 15.86 6.43 -7.78
CA LEU B 318 16.56 6.11 -9.01
C LEU B 318 17.50 4.98 -8.67
N TRP B 319 17.67 4.08 -9.61
CA TRP B 319 18.42 2.89 -9.35
C TRP B 319 19.24 2.59 -10.54
N GLU B 320 20.20 1.70 -10.35
CA GLU B 320 21.02 1.27 -11.43
C GLU B 320 21.68 -0.05 -11.10
N LEU B 321 22.13 -0.72 -12.18
CA LEU B 321 22.74 -2.03 -12.12
C LEU B 321 23.76 -2.16 -13.26
N THR B 322 25.00 -2.51 -12.93
CA THR B 322 26.00 -2.71 -13.95
C THR B 322 26.15 -4.22 -14.09
N VAL B 323 26.13 -4.71 -15.30
CA VAL B 323 26.02 -6.13 -15.47
C VAL B 323 26.72 -6.66 -16.73
N PRO B 324 27.33 -7.84 -16.64
CA PRO B 324 27.99 -8.34 -17.87
C PRO B 324 27.04 -8.77 -19.02
N VAL B 325 27.42 -8.37 -20.23
CA VAL B 325 26.68 -8.65 -21.46
C VAL B 325 27.64 -9.20 -22.52
N GLU B 326 27.20 -10.27 -23.17
CA GLU B 326 28.00 -10.92 -24.16
C GLU B 326 27.67 -10.35 -25.52
N ALA B 327 28.64 -10.49 -26.44
CA ALA B 327 28.49 -10.03 -27.81
C ALA B 327 27.54 -10.94 -28.58
N GLY B 328 26.70 -10.32 -29.41
CA GLY B 328 25.80 -11.05 -30.28
C GLY B 328 24.47 -11.46 -29.68
N THR B 329 24.36 -11.36 -28.37
CA THR B 329 23.15 -11.78 -27.69
C THR B 329 22.02 -10.75 -27.78
N GLU B 330 20.84 -11.20 -27.39
CA GLU B 330 19.64 -10.39 -27.32
C GLU B 330 19.24 -10.30 -25.88
N LEU B 331 18.72 -9.16 -25.44
CA LEU B 331 18.26 -9.01 -24.07
C LEU B 331 16.82 -8.51 -24.01
N GLU B 332 16.11 -8.92 -22.97
CA GLU B 332 14.80 -8.33 -22.68
C GLU B 332 14.93 -7.92 -21.24
N ILE B 333 15.18 -6.64 -21.05
CA ILE B 333 15.39 -6.09 -19.73
C ILE B 333 14.02 -5.81 -19.09
N VAL B 334 13.86 -6.23 -17.84
CA VAL B 334 12.62 -6.11 -17.14
C VAL B 334 13.00 -5.64 -15.75
N CYS B 335 12.23 -4.70 -15.19
CA CYS B 335 12.40 -4.23 -13.81
C CYS B 335 11.05 -4.30 -13.09
N LYS B 336 11.11 -4.61 -11.79
CA LYS B 336 9.92 -4.65 -10.96
C LYS B 336 10.37 -4.21 -9.59
N ALA B 337 9.52 -3.47 -8.89
CA ALA B 337 9.88 -2.93 -7.60
C ALA B 337 8.92 -3.42 -6.54
N VAL B 338 9.37 -3.25 -5.29
CA VAL B 338 8.69 -3.69 -4.08
C VAL B 338 8.78 -2.57 -3.07
N ASP B 339 7.70 -2.25 -2.39
CA ASP B 339 7.71 -1.15 -1.44
C ASP B 339 7.69 -1.64 0.00
N SER B 340 7.65 -0.69 0.96
CA SER B 340 7.68 -0.95 2.42
C SER B 340 6.53 -1.80 2.93
N SER B 341 5.44 -1.83 2.19
CA SER B 341 4.30 -2.69 2.47
C SER B 341 4.38 -4.09 1.76
N TYR B 342 5.47 -4.31 1.01
CA TYR B 342 5.76 -5.52 0.21
C TYR B 342 4.75 -5.71 -0.91
N ASN B 343 4.25 -4.60 -1.43
CA ASN B 343 3.41 -4.63 -2.62
C ASN B 343 4.32 -4.73 -3.79
N VAL B 344 3.83 -5.40 -4.83
CA VAL B 344 4.60 -5.72 -5.97
C VAL B 344 3.86 -5.35 -7.27
N GLN B 345 4.64 -5.25 -8.33
CA GLN B 345 4.10 -5.03 -9.67
C GLN B 345 3.68 -6.35 -10.33
N PRO B 346 2.57 -6.35 -11.03
CA PRO B 346 2.12 -7.55 -11.68
C PRO B 346 2.89 -7.81 -12.99
N ASP B 347 2.79 -9.04 -13.45
CA ASP B 347 3.53 -9.52 -14.61
C ASP B 347 3.05 -8.89 -15.90
N SER B 348 1.74 -8.97 -16.16
CA SER B 348 1.21 -8.51 -17.44
C SER B 348 0.21 -7.38 -17.36
N VAL B 349 -0.03 -6.78 -18.52
CA VAL B 349 -0.90 -5.60 -18.66
C VAL B 349 -2.36 -5.98 -18.83
N ALA B 350 -2.63 -7.02 -19.60
CA ALA B 350 -4.03 -7.41 -19.86
C ALA B 350 -4.92 -7.51 -18.62
N PRO B 351 -4.48 -8.18 -17.55
CA PRO B 351 -5.36 -8.26 -16.38
C PRO B 351 -5.53 -6.95 -15.61
N ILE B 352 -4.61 -5.99 -15.71
CA ILE B 352 -4.85 -4.67 -15.08
C ILE B 352 -5.42 -3.63 -16.06
N TRP B 353 -5.79 -4.10 -17.27
CA TRP B 353 -6.25 -3.27 -18.35
C TRP B 353 -7.49 -2.57 -17.95
N ASN B 354 -7.64 -1.34 -18.42
CA ASN B 354 -8.86 -0.56 -18.20
C ASN B 354 -9.02 0.44 -19.34
N LEU B 355 -10.29 0.75 -19.61
CA LEU B 355 -10.69 1.57 -20.76
C LEU B 355 -10.12 2.99 -20.80
N ARG B 356 -9.54 3.48 -19.69
CA ARG B 356 -8.89 4.79 -19.67
C ARG B 356 -7.36 4.72 -19.66
N GLY B 357 -6.81 3.51 -19.72
CA GLY B 357 -5.37 3.35 -19.73
C GLY B 357 -4.63 3.98 -18.56
N VAL B 358 -5.27 4.02 -17.39
CA VAL B 358 -4.64 4.54 -16.18
C VAL B 358 -4.10 3.38 -15.37
N LEU B 359 -3.31 3.68 -14.36
CA LEU B 359 -2.82 2.65 -13.45
C LEU B 359 -2.02 1.55 -14.14
N SER B 360 -1.10 1.97 -14.99
CA SER B 360 -0.26 1.06 -15.77
C SER B 360 1.04 0.77 -15.00
N THR B 361 1.05 -0.33 -14.24
CA THR B 361 2.22 -0.72 -13.46
C THR B 361 2.79 -2.09 -13.72
N ALA B 362 2.33 -2.76 -14.76
CA ALA B 362 2.90 -4.05 -15.05
C ALA B 362 4.38 -3.87 -15.38
N TRP B 363 5.16 -4.95 -15.30
CA TRP B 363 6.59 -4.87 -15.54
C TRP B 363 6.92 -4.21 -16.81
N HIS B 364 7.91 -3.31 -16.74
CA HIS B 364 8.41 -2.61 -17.91
C HIS B 364 9.43 -3.48 -18.59
N ARG B 365 9.32 -3.58 -19.91
CA ARG B 365 10.20 -4.40 -20.72
C ARG B 365 10.82 -3.59 -21.88
N VAL B 366 12.14 -3.74 -22.03
CA VAL B 366 12.94 -3.04 -23.04
C VAL B 366 13.81 -4.09 -23.73
N ARG B 367 13.66 -4.23 -25.05
CA ARG B 367 14.51 -5.15 -25.83
C ARG B 367 15.67 -4.41 -26.45
N VAL B 368 16.85 -5.02 -26.40
CA VAL B 368 18.04 -4.45 -26.99
C VAL B 368 18.85 -5.61 -27.46
N SER B 369 19.82 -5.32 -28.32
CA SER B 369 20.71 -6.33 -28.82
C SER B 369 22.09 -5.95 -28.29
N VAL B 370 23.02 -6.89 -28.33
CA VAL B 370 24.40 -6.61 -27.94
C VAL B 370 25.23 -6.83 -29.18
N GLN B 371 26.05 -5.83 -29.50
CA GLN B 371 26.89 -5.87 -30.69
C GLN B 371 27.91 -6.97 -30.63
N ASP B 372 28.51 -7.31 -31.78
CA ASP B 372 29.46 -8.41 -31.89
C ASP B 372 30.87 -8.05 -31.47
S SO4 C . 6.79 -21.00 10.05
O1 SO4 C . 7.43 -21.70 8.96
O2 SO4 C . 5.37 -21.08 9.81
O3 SO4 C . 7.18 -21.61 11.32
O4 SO4 C . 7.13 -19.59 10.08
N1 MTE D . 3.63 -14.64 19.97
C2 MTE D . 4.34 -15.44 20.74
N2 MTE D . 4.70 -15.02 21.99
N3 MTE D . 4.99 -16.49 20.17
C4 MTE D . 4.87 -16.86 18.85
O4 MTE D . 5.32 -17.99 18.53
N5 MTE D . 3.78 -16.36 16.74
C6 MTE D . 3.41 -15.29 15.97
C7 MTE D . 2.38 -14.29 16.70
N8 MTE D . 2.62 -14.11 18.08
C9 MTE D . 3.94 -16.13 18.12
C10 MTE D . 3.51 -14.90 18.67
C1' MTE D . 2.96 -15.42 14.63
S1' MTE D . 4.23 -15.85 13.43
C2' MTE D . 1.67 -15.58 14.28
S2' MTE D . 1.19 -15.80 12.59
C3' MTE D . 0.59 -15.22 15.23
O3' MTE D . 1.03 -14.87 16.54
C4' MTE D . -0.35 -16.33 15.37
O4' MTE D . -1.48 -15.92 16.13
P MTE D . -2.59 -16.93 16.43
O1P MTE D . -1.97 -18.13 16.94
O2P MTE D . -3.39 -17.16 15.21
O3P MTE D . -3.30 -16.26 17.66
MO MO E . 3.31 -15.85 11.31
S SO4 F . -5.32 12.28 -20.13
O1 SO4 F . -6.21 11.89 -21.23
O2 SO4 F . -3.96 11.82 -20.32
O3 SO4 F . -5.37 13.75 -20.16
O4 SO4 F . -5.80 11.73 -18.88
N1 MTE G . -4.67 21.54 -11.85
C2 MTE G . -5.35 22.35 -12.66
N2 MTE G . -5.98 23.43 -12.17
N3 MTE G . -5.67 21.87 -13.90
C4 MTE G . -5.21 20.66 -14.42
O4 MTE G . -5.37 20.41 -15.67
N5 MTE G . -3.76 18.74 -13.99
C6 MTE G . -3.64 17.80 -13.01
C7 MTE G . -2.90 18.41 -11.79
N8 MTE G . -3.34 19.70 -11.50
C9 MTE G . -4.42 19.89 -13.58
C10 MTE G . -4.21 20.34 -12.29
C1' MTE G . -3.12 16.52 -13.25
S1' MTE G . -4.24 15.38 -14.07
C2' MTE G . -1.78 16.29 -13.27
S2' MTE G . -1.13 14.69 -13.70
C3' MTE G . -0.87 17.27 -12.54
O3' MTE G . -1.51 18.50 -12.19
C4' MTE G . 0.30 17.59 -13.33
O4' MTE G . 0.94 18.78 -12.87
P MTE G . 2.20 19.25 -13.66
O1P MTE G . 1.79 19.66 -15.02
O2P MTE G . 3.24 18.23 -13.74
O3P MTE G . 2.73 20.53 -12.86
MO MO H . -2.84 13.32 -14.36
C1 GOL I . -17.74 1.79 -4.47
O1 GOL I . -19.00 2.40 -4.41
C2 GOL I . -16.72 2.73 -3.89
O2 GOL I . -16.78 3.96 -4.58
C3 GOL I . -15.34 2.06 -3.98
O3 GOL I . -15.12 1.05 -3.01
#